data_1OW0
#
_entry.id   1OW0
#
_cell.length_a   142.987
_cell.length_b   142.987
_cell.length_c   67.655
_cell.angle_alpha   90.00
_cell.angle_beta   90.00
_cell.angle_gamma   120.00
#
_symmetry.space_group_name_H-M   'P 3'
#
loop_
_entity.id
_entity.type
_entity.pdbx_description
1 polymer 'Ig alpha-1 chain C region'
2 polymer 'Immunoglobulin alpha Fc receptor'
3 branched 'N-acetyl-alpha-neuraminic acid-(2-3)-beta-D-galactopyranose-(1-4)-2-acetamido-2-deoxy-beta-D-glucopyranose-(1-2)-beta-D-mannopyranose-(1-6)-beta-D-mannopyranose-(1-4)-2-acetamido-2-deoxy-beta-D-glucopyranose-(1-4)-[beta-L-fucopyranose-(1-6)]2-acetamido-2-deoxy-beta-D-glucopyranose'
4 branched 'N-acetyl-alpha-neuraminic acid-(2-3)-beta-D-galactopyranose-(1-4)-2-acetamido-2-deoxy-beta-D-glucopyranose-(1-2)-beta-D-mannopyranose-(1-6)-beta-D-mannopyranose-(1-4)-2-acetamido-2-deoxy-beta-D-glucopyranose-(1-4)-[alpha-L-fucopyranose-(1-6)]2-acetamido-2-deoxy-beta-D-glucopyranose'
5 branched alpha-D-mannopyranose-(1-3)-[beta-D-mannopyranose-(1-6)]alpha-D-mannopyranose-(1-4)-2-acetamido-2-deoxy-beta-D-glucopyranose-(1-4)-2-acetamido-2-deoxy-beta-D-glucopyranose
6 branched beta-D-mannopyranose-(1-4)-2-acetamido-2-deoxy-alpha-D-glucopyranose-(1-4)-2-acetamido-2-deoxy-beta-D-glucopyranose
7 branched beta-D-mannopyranose-(1-4)-beta-D-mannopyranose-(1-2)-alpha-D-mannopyranose-(1-6)-beta-D-mannopyranose-(1-4)-2-acetamido-2-deoxy-beta-D-glucopyranose-(1-4)-2-acetamido-2-deoxy-beta-D-glucopyranose
8 non-polymer 2-acetamido-2-deoxy-beta-D-glucopyranose
#
loop_
_entity_poly.entity_id
_entity_poly.type
_entity_poly.pdbx_seq_one_letter_code
_entity_poly.pdbx_strand_id
1 'polypeptide(L)'
;ACHPRLSLHRPALEDLLLGSEANLTCTLTGLRDASGVTFTWTPSSGKSAVQGPPERDLCGCYSVSSVLPGCAEPWNHGKT
FTCTAAYPESKTPLTATLSKSGNTFRPEVHLLPPPSEELALNELVTLTCLARGFSPKDVLVRWLQGSQELPREKYLTWAS
RQEPSQGTTTFAVTSILRVAAEDWKKGDTFSCMVGHEALPLAFTQKTIDRLAGK
;
A,B
2 'polypeptide(L)'
;QEGDFPMPFISAKSSPVIPLDGSVKIQCQAIREAYLTQLMIIKNSTYREIGRRLKFWNETDPEFVIDHMDANKAGRYQCQ
YRIGHYRFRYSDTLELVVTGLYGKPFLSADRGLVLMPGENISLTCSSAHIPFDRFSLAKEGELSLPQHQSGEHPANFSLG
PVDLNVSGIYRCYGWYNRSPYLWSFPSNALELVVTAIDGRAHHHHHH
;
C,D
#
loop_
_chem_comp.id
_chem_comp.type
_chem_comp.name
_chem_comp.formula
BMA D-saccharide, beta linking beta-D-mannopyranose 'C6 H12 O6'
FUC L-saccharide, alpha linking alpha-L-fucopyranose 'C6 H12 O5'
FUL L-saccharide, beta linking beta-L-fucopyranose 'C6 H12 O5'
GAL D-saccharide, beta linking beta-D-galactopyranose 'C6 H12 O6'
MAN D-saccharide, alpha linking alpha-D-mannopyranose 'C6 H12 O6'
NAG D-saccharide, beta linking 2-acetamido-2-deoxy-beta-D-glucopyranose 'C8 H15 N O6'
NDG D-saccharide, alpha linking 2-acetamido-2-deoxy-alpha-D-glucopyranose 'C8 H15 N O6'
SIA D-saccharide, alpha linking 'N-acetyl-alpha-neuraminic acid' 'C11 H19 N O9'
#
# COMPACT_ATOMS: atom_id res chain seq x y z
N CYS A 2 29.78 -1.39 22.27
CA CYS A 2 29.72 -1.86 20.85
C CYS A 2 30.12 -0.75 19.90
N HIS A 3 30.05 -1.04 18.61
CA HIS A 3 30.42 -0.11 17.54
C HIS A 3 29.66 1.22 17.59
N PRO A 4 30.37 2.31 17.91
CA PRO A 4 29.81 3.67 18.00
C PRO A 4 29.48 4.22 16.60
N ARG A 5 28.41 4.99 16.49
CA ARG A 5 28.02 5.56 15.22
C ARG A 5 27.33 6.92 15.41
N LEU A 6 27.12 7.63 14.32
CA LEU A 6 26.50 8.94 14.35
C LEU A 6 25.72 9.23 13.06
N SER A 7 24.48 9.71 13.18
CA SER A 7 23.66 10.02 12.01
C SER A 7 22.85 11.31 12.17
N LEU A 8 22.41 11.87 11.05
CA LEU A 8 21.60 13.08 11.04
C LEU A 8 20.21 12.70 10.55
N HIS A 9 19.18 13.13 11.26
CA HIS A 9 17.83 12.81 10.83
C HIS A 9 17.16 14.09 10.33
N ARG A 10 16.69 14.03 9.09
CA ARG A 10 16.05 15.18 8.49
C ARG A 10 14.82 15.59 9.27
N PRO A 11 14.33 16.81 9.01
CA PRO A 11 13.14 17.38 9.65
C PRO A 11 11.91 16.68 9.11
N ALA A 12 11.23 15.91 9.95
CA ALA A 12 10.02 15.18 9.57
C ALA A 12 9.09 16.01 8.68
N LEU A 13 8.71 15.47 7.54
CA LEU A 13 7.84 16.22 6.62
C LEU A 13 6.53 16.74 7.24
N GLU A 14 5.92 15.98 8.15
CA GLU A 14 4.68 16.46 8.77
C GLU A 14 4.98 17.71 9.60
N ASP A 15 6.06 17.67 10.38
CA ASP A 15 6.46 18.81 11.17
C ASP A 15 6.69 20.05 10.28
N LEU A 16 7.30 19.83 9.12
CA LEU A 16 7.54 20.96 8.24
C LEU A 16 6.24 21.52 7.70
N LEU A 17 5.43 20.69 7.03
CA LEU A 17 4.19 21.16 6.45
C LEU A 17 2.97 21.32 7.36
N LEU A 18 3.00 20.69 8.54
CA LEU A 18 1.85 20.74 9.43
C LEU A 18 2.14 20.95 10.91
N GLY A 19 3.42 21.00 11.27
CA GLY A 19 3.78 21.18 12.66
C GLY A 19 4.20 22.59 13.00
N SER A 20 4.48 22.82 14.28
CA SER A 20 4.90 24.14 14.76
C SER A 20 6.39 24.38 14.51
N GLU A 21 7.22 23.74 15.32
CA GLU A 21 8.68 23.87 15.22
C GLU A 21 9.31 22.54 14.82
N ALA A 22 9.53 22.36 13.52
CA ALA A 22 10.14 21.15 12.98
C ALA A 22 11.63 21.07 13.32
N ASN A 23 12.00 20.10 14.17
CA ASN A 23 13.39 19.91 14.58
C ASN A 23 14.19 19.10 13.56
N LEU A 24 15.45 18.87 13.89
CA LEU A 24 16.36 18.13 13.03
C LEU A 24 17.29 17.41 14.02
N THR A 25 17.30 16.09 13.99
CA THR A 25 18.12 15.38 14.95
C THR A 25 19.45 14.79 14.50
N CYS A 26 20.38 14.75 15.45
CA CYS A 26 21.72 14.20 15.28
C CYS A 26 21.95 13.32 16.48
N THR A 27 21.83 12.01 16.27
CA THR A 27 21.99 11.06 17.33
C THR A 27 23.24 10.19 17.21
N LEU A 28 23.99 10.12 18.32
CA LEU A 28 25.23 9.35 18.41
C LEU A 28 24.98 7.98 19.03
N THR A 29 24.68 7.00 18.18
CA THR A 29 24.39 5.65 18.64
C THR A 29 25.60 4.74 18.79
N GLY A 30 25.68 4.05 19.92
CA GLY A 30 26.78 3.12 20.15
C GLY A 30 27.83 3.49 21.20
N LEU A 31 27.67 4.63 21.85
CA LEU A 31 28.63 5.01 22.87
C LEU A 31 28.49 4.08 24.08
N ARG A 32 28.95 2.84 23.93
CA ARG A 32 28.89 1.87 25.02
C ARG A 32 29.99 2.17 26.02
N ASP A 33 29.77 3.20 26.83
CA ASP A 33 30.73 3.61 27.86
C ASP A 33 30.12 4.73 28.70
N ALA A 34 30.95 5.41 29.47
CA ALA A 34 30.48 6.52 30.30
C ALA A 34 30.24 7.71 29.37
N SER A 35 29.00 8.16 29.30
CA SER A 35 28.66 9.28 28.42
C SER A 35 28.90 10.67 29.03
N GLY A 36 29.20 11.61 28.14
CA GLY A 36 29.45 12.98 28.52
C GLY A 36 29.68 13.72 27.22
N VAL A 37 29.14 13.12 26.16
CA VAL A 37 29.24 13.63 24.80
C VAL A 37 29.01 15.12 24.56
N THR A 38 29.38 15.56 23.36
CA THR A 38 29.26 16.94 22.93
C THR A 38 28.72 16.91 21.51
N PHE A 39 28.39 18.08 20.97
CA PHE A 39 27.88 18.18 19.62
C PHE A 39 28.29 19.48 18.97
N THR A 40 28.30 19.52 17.65
CA THR A 40 28.68 20.73 16.94
C THR A 40 27.96 20.79 15.62
N TRP A 41 27.20 21.87 15.40
CA TRP A 41 26.48 21.99 14.16
C TRP A 41 27.14 23.05 13.27
N THR A 42 27.08 22.84 11.96
CA THR A 42 27.68 23.80 11.05
C THR A 42 26.87 25.10 11.06
N PRO A 43 25.58 25.04 10.72
CA PRO A 43 24.84 26.29 10.76
C PRO A 43 24.27 26.47 12.16
N SER A 44 24.96 27.23 13.00
CA SER A 44 24.50 27.48 14.35
C SER A 44 24.13 28.95 14.41
N SER A 45 22.83 29.21 14.48
CA SER A 45 22.33 30.57 14.50
C SER A 45 21.17 30.67 15.49
N GLY A 46 21.51 30.88 16.76
CA GLY A 46 20.47 30.98 17.77
C GLY A 46 19.90 29.60 18.02
N LYS A 47 20.13 28.69 17.08
CA LYS A 47 19.64 27.32 17.20
C LYS A 47 20.45 26.61 18.29
N SER A 48 20.14 26.95 19.54
CA SER A 48 20.82 26.36 20.68
C SER A 48 20.49 24.88 20.81
N ALA A 49 21.27 24.04 20.14
CA ALA A 49 21.07 22.59 20.16
C ALA A 49 20.80 22.06 21.57
N VAL A 50 19.75 21.27 21.71
CA VAL A 50 19.38 20.69 22.99
C VAL A 50 19.74 19.21 23.05
N GLN A 51 20.40 18.79 24.13
CA GLN A 51 20.81 17.40 24.33
C GLN A 51 19.81 16.70 25.23
N GLY A 52 19.81 15.37 25.23
CA GLY A 52 18.86 14.65 26.06
C GLY A 52 19.47 13.62 26.98
N PRO A 53 18.63 12.83 27.67
CA PRO A 53 19.13 11.80 28.58
C PRO A 53 19.70 10.60 27.82
N PRO A 54 20.81 10.03 28.30
CA PRO A 54 21.49 8.87 27.71
C PRO A 54 20.66 7.61 27.58
N GLU A 55 19.71 7.58 26.64
CA GLU A 55 18.87 6.39 26.43
C GLU A 55 19.73 5.15 26.17
N ARG A 56 19.11 3.98 26.21
CA ARG A 56 19.84 2.72 25.98
C ARG A 56 19.29 2.01 24.74
N ASP A 57 20.16 1.28 24.05
CA ASP A 57 19.78 0.55 22.84
C ASP A 57 19.89 -0.95 23.04
N LEU A 58 20.37 -1.64 22.01
CA LEU A 58 20.50 -3.09 22.04
C LEU A 58 21.63 -3.54 22.97
N CYS A 59 21.26 -4.30 24.00
CA CYS A 59 22.19 -4.85 24.98
C CYS A 59 23.07 -3.86 25.75
N GLY A 60 23.22 -2.64 25.23
CA GLY A 60 24.04 -1.66 25.94
C GLY A 60 24.47 -0.44 25.15
N CYS A 61 24.23 -0.44 23.85
CA CYS A 61 24.61 0.68 23.00
C CYS A 61 23.94 1.99 23.44
N TYR A 62 24.16 2.37 24.70
CA TYR A 62 23.58 3.59 25.26
C TYR A 62 23.79 4.74 24.29
N SER A 63 22.70 5.23 23.70
CA SER A 63 22.78 6.31 22.73
C SER A 63 22.36 7.68 23.29
N VAL A 64 22.94 8.73 22.72
CA VAL A 64 22.68 10.11 23.13
C VAL A 64 22.34 10.97 21.92
N SER A 65 21.39 11.87 22.06
CA SER A 65 20.99 12.72 20.93
C SER A 65 21.10 14.21 21.15
N SER A 66 20.87 14.95 20.09
CA SER A 66 20.93 16.40 20.10
C SER A 66 19.94 16.89 19.05
N VAL A 67 19.26 18.00 19.33
CA VAL A 67 18.26 18.52 18.39
C VAL A 67 18.43 19.97 18.05
N LEU A 68 18.38 20.27 16.76
CA LEU A 68 18.54 21.64 16.31
C LEU A 68 17.22 22.22 15.85
N PRO A 69 16.71 23.21 16.60
CA PRO A 69 15.44 23.89 16.33
C PRO A 69 15.53 24.98 15.28
N GLY A 70 14.42 25.21 14.59
CA GLY A 70 14.34 26.26 13.59
C GLY A 70 14.96 25.95 12.25
N CYS A 71 15.73 24.87 12.17
CA CYS A 71 16.42 24.47 10.93
C CYS A 71 15.52 24.39 9.71
N ALA A 72 14.21 24.54 9.91
CA ALA A 72 13.23 24.47 8.82
C ALA A 72 13.55 25.41 7.69
N GLU A 73 14.10 26.58 8.03
CA GLU A 73 14.45 27.57 7.02
C GLU A 73 15.63 27.16 6.14
N PRO A 74 16.81 26.92 6.76
CA PRO A 74 18.02 26.52 6.02
C PRO A 74 17.82 25.23 5.22
N TRP A 75 17.05 24.31 5.82
CA TRP A 75 16.74 22.99 5.27
C TRP A 75 16.07 22.93 3.89
N ASN A 76 15.03 23.73 3.71
CA ASN A 76 14.35 23.74 2.43
C ASN A 76 15.11 24.61 1.48
N HIS A 77 15.86 25.54 2.05
CA HIS A 77 16.68 26.46 1.28
C HIS A 77 17.62 25.60 0.44
N GLY A 78 18.14 24.55 1.07
CA GLY A 78 19.04 23.64 0.40
C GLY A 78 20.35 23.53 1.11
N LYS A 79 20.49 24.27 2.21
CA LYS A 79 21.72 24.25 2.99
C LYS A 79 22.08 22.82 3.41
N THR A 80 23.31 22.59 3.85
CA THR A 80 23.69 21.25 4.27
C THR A 80 24.20 21.22 5.73
N PHE A 81 23.37 20.65 6.61
CA PHE A 81 23.69 20.54 8.03
C PHE A 81 24.72 19.47 8.38
N THR A 82 25.62 19.84 9.29
CA THR A 82 26.67 18.95 9.72
C THR A 82 26.62 18.78 11.22
N CYS A 83 27.12 17.65 11.70
CA CYS A 83 27.12 17.41 13.12
C CYS A 83 28.26 16.49 13.51
N THR A 84 28.99 16.93 14.53
CA THR A 84 30.13 16.19 15.01
C THR A 84 29.98 15.97 16.51
N ALA A 85 30.07 14.71 16.92
CA ALA A 85 29.93 14.36 18.33
C ALA A 85 31.29 14.10 18.94
N ALA A 86 31.41 14.38 20.24
CA ALA A 86 32.67 14.18 20.95
C ALA A 86 32.50 13.38 22.24
N TYR A 87 32.66 12.07 22.15
CA TYR A 87 32.54 11.18 23.31
C TYR A 87 33.93 10.74 23.78
N PRO A 88 34.03 10.07 24.94
CA PRO A 88 35.32 9.61 25.48
C PRO A 88 35.97 8.35 24.87
N GLU A 89 35.15 7.39 24.45
CA GLU A 89 35.66 6.14 23.88
C GLU A 89 36.50 6.29 22.60
N SER A 90 36.90 7.53 22.28
CA SER A 90 37.71 7.79 21.10
C SER A 90 38.51 9.09 21.19
N LYS A 91 39.40 9.28 20.24
CA LYS A 91 40.24 10.47 20.18
C LYS A 91 39.80 11.28 18.98
N THR A 92 38.79 10.79 18.28
CA THR A 92 38.26 11.49 17.11
C THR A 92 36.76 11.66 17.15
N PRO A 93 36.32 12.89 16.86
CA PRO A 93 34.92 13.31 16.82
C PRO A 93 34.21 12.76 15.59
N LEU A 94 33.18 11.95 15.81
CA LEU A 94 32.44 11.41 14.68
C LEU A 94 31.67 12.57 14.06
N THR A 95 31.41 12.48 12.77
CA THR A 95 30.68 13.54 12.07
C THR A 95 29.66 13.02 11.06
N ALA A 96 28.58 13.75 10.90
CA ALA A 96 27.54 13.37 9.94
C ALA A 96 27.09 14.60 9.15
N THR A 97 26.60 14.37 7.94
CA THR A 97 26.17 15.46 7.10
C THR A 97 24.93 15.10 6.32
N LEU A 98 23.91 15.95 6.38
CA LEU A 98 22.67 15.72 5.62
C LEU A 98 22.26 17.06 4.99
N SER A 99 21.50 16.98 3.90
CA SER A 99 20.99 18.14 3.18
C SER A 99 19.77 17.67 2.41
N LYS A 100 18.87 18.59 2.11
CA LYS A 100 17.67 18.24 1.37
C LYS A 100 18.05 17.37 0.16
N SER A 101 17.26 16.34 -0.12
CA SER A 101 17.56 15.44 -1.25
C SER A 101 17.54 16.13 -2.62
N GLY A 102 18.18 15.48 -3.59
CA GLY A 102 18.21 16.01 -4.95
C GLY A 102 17.41 15.14 -5.89
N ASN A 103 17.50 15.41 -7.18
CA ASN A 103 16.78 14.63 -8.17
C ASN A 103 15.30 14.48 -7.80
N THR A 104 14.69 15.56 -7.36
CA THR A 104 13.30 15.52 -6.97
C THR A 104 12.30 15.24 -8.09
N PHE A 105 11.28 14.45 -7.78
CA PHE A 105 10.23 14.10 -8.73
C PHE A 105 8.85 14.39 -8.13
N ARG A 106 8.10 15.32 -8.75
CA ARG A 106 6.76 15.64 -8.23
C ARG A 106 5.88 14.37 -8.29
N PRO A 107 5.05 14.14 -7.26
CA PRO A 107 4.16 12.98 -7.21
C PRO A 107 2.97 13.09 -8.15
N GLU A 108 2.38 11.96 -8.50
CA GLU A 108 1.20 11.97 -9.35
C GLU A 108 0.11 11.27 -8.53
N VAL A 109 -0.86 12.03 -8.03
CA VAL A 109 -1.93 11.48 -7.20
C VAL A 109 -3.16 10.96 -7.93
N HIS A 110 -3.81 9.94 -7.37
CA HIS A 110 -5.00 9.37 -8.00
C HIS A 110 -6.09 9.02 -6.99
N LEU A 111 -7.34 9.26 -7.38
CA LEU A 111 -8.44 8.97 -6.48
C LEU A 111 -9.33 7.92 -7.12
N LEU A 112 -9.08 6.68 -6.78
CA LEU A 112 -9.86 5.61 -7.34
C LEU A 112 -11.18 5.39 -6.63
N PRO A 113 -12.27 5.43 -7.38
CA PRO A 113 -13.67 5.25 -7.01
C PRO A 113 -13.92 3.93 -6.31
N PRO A 114 -14.95 3.86 -5.48
CA PRO A 114 -15.22 2.59 -4.78
C PRO A 114 -15.51 1.46 -5.77
N PRO A 115 -14.98 0.27 -5.49
CA PRO A 115 -15.18 -0.91 -6.35
C PRO A 115 -16.67 -1.10 -6.57
N SER A 116 -17.08 -1.18 -7.83
CA SER A 116 -18.50 -1.38 -8.18
C SER A 116 -19.21 -2.45 -7.32
N GLU A 117 -18.50 -3.56 -7.06
CA GLU A 117 -19.07 -4.63 -6.27
C GLU A 117 -19.19 -4.23 -4.80
N GLU A 118 -18.46 -3.20 -4.39
CA GLU A 118 -18.54 -2.75 -3.00
C GLU A 118 -19.72 -1.83 -2.75
N LEU A 119 -19.90 -0.85 -3.63
CA LEU A 119 -20.98 0.12 -3.50
C LEU A 119 -22.37 -0.51 -3.59
N ALA A 120 -22.44 -1.80 -3.87
CA ALA A 120 -23.73 -2.48 -3.99
C ALA A 120 -24.17 -3.22 -2.73
N LEU A 121 -23.21 -3.55 -1.87
CA LEU A 121 -23.53 -4.23 -0.63
C LEU A 121 -23.90 -3.18 0.41
N ASN A 122 -24.28 -1.99 -0.09
CA ASN A 122 -24.66 -0.83 0.72
C ASN A 122 -24.29 -0.91 2.21
N GLU A 123 -23.03 -0.62 2.50
CA GLU A 123 -22.51 -0.63 3.87
C GLU A 123 -21.23 0.21 3.92
N LEU A 124 -20.08 -0.42 3.69
CA LEU A 124 -18.82 0.31 3.70
C LEU A 124 -18.04 0.21 2.42
N VAL A 125 -17.99 1.33 1.69
CA VAL A 125 -17.26 1.39 0.43
C VAL A 125 -15.84 1.93 0.63
N THR A 126 -14.95 1.65 -0.33
CA THR A 126 -13.58 2.08 -0.17
C THR A 126 -13.02 3.01 -1.21
N LEU A 127 -12.35 4.04 -0.72
CA LEU A 127 -11.72 5.01 -1.60
C LEU A 127 -10.24 4.74 -1.49
N THR A 128 -9.57 4.72 -2.63
CA THR A 128 -8.14 4.43 -2.68
C THR A 128 -7.35 5.59 -3.22
N CYS A 129 -6.27 5.93 -2.53
CA CYS A 129 -5.44 7.03 -2.98
C CYS A 129 -4.09 6.51 -3.44
N LEU A 130 -3.62 7.06 -4.54
CA LEU A 130 -2.35 6.65 -5.10
C LEU A 130 -1.36 7.77 -5.40
N ALA A 131 -0.25 7.81 -4.65
CA ALA A 131 0.82 8.78 -4.85
C ALA A 131 1.92 7.96 -5.54
N ARG A 132 2.14 8.23 -6.83
CA ARG A 132 3.09 7.45 -7.65
C ARG A 132 4.28 8.20 -8.27
N GLY A 133 5.44 7.56 -8.31
CA GLY A 133 6.61 8.18 -8.90
C GLY A 133 7.07 9.55 -8.40
N PHE A 134 7.47 9.64 -7.13
CA PHE A 134 7.92 10.90 -6.57
C PHE A 134 9.33 10.95 -5.96
N SER A 135 9.87 12.17 -5.99
CA SER A 135 11.20 12.58 -5.52
C SER A 135 11.78 11.79 -4.36
N PRO A 136 11.59 12.25 -3.11
CA PRO A 136 12.18 11.34 -2.11
C PRO A 136 11.00 10.53 -1.54
N LYS A 137 11.33 9.53 -0.72
CA LYS A 137 10.30 8.66 -0.13
C LYS A 137 9.28 9.47 0.67
N ASP A 138 9.74 10.42 1.47
CA ASP A 138 8.87 11.24 2.32
C ASP A 138 7.57 11.74 1.70
N VAL A 139 6.42 11.40 2.29
CA VAL A 139 5.14 11.88 1.78
C VAL A 139 4.01 11.90 2.78
N LEU A 140 3.14 12.90 2.67
CA LEU A 140 2.00 12.98 3.57
C LEU A 140 0.70 12.72 2.79
N VAL A 141 -0.17 11.90 3.38
CA VAL A 141 -1.47 11.61 2.80
C VAL A 141 -2.52 11.89 3.88
N ARG A 142 -3.46 12.78 3.55
CA ARG A 142 -4.54 13.20 4.44
C ARG A 142 -5.88 13.05 3.71
N TRP A 143 -6.97 12.92 4.45
CA TRP A 143 -8.26 12.79 3.77
C TRP A 143 -9.28 13.82 4.17
N LEU A 144 -10.10 14.22 3.19
CA LEU A 144 -11.16 15.19 3.44
C LEU A 144 -12.53 14.62 3.15
N GLN A 145 -13.44 14.88 4.08
CA GLN A 145 -14.83 14.50 4.01
C GLN A 145 -15.48 15.89 3.83
N GLY A 146 -15.82 16.22 2.60
CA GLY A 146 -16.38 17.54 2.34
C GLY A 146 -15.26 18.58 2.42
N SER A 147 -15.10 19.19 3.58
CA SER A 147 -14.04 20.18 3.80
C SER A 147 -13.36 19.96 5.14
N GLN A 148 -13.74 18.86 5.79
CA GLN A 148 -13.16 18.52 7.08
C GLN A 148 -12.19 17.35 6.95
N GLU A 149 -11.00 17.54 7.50
CA GLU A 149 -9.97 16.52 7.48
C GLU A 149 -10.47 15.47 8.47
N LEU A 150 -10.22 14.18 8.21
CA LEU A 150 -10.67 13.15 9.13
C LEU A 150 -9.51 12.80 10.02
N PRO A 151 -9.76 12.05 11.08
CA PRO A 151 -8.69 11.66 11.99
C PRO A 151 -7.75 10.68 11.31
N ARG A 152 -6.46 10.97 11.40
CA ARG A 152 -5.47 10.11 10.81
C ARG A 152 -5.91 8.68 11.17
N GLU A 153 -6.54 8.55 12.33
CA GLU A 153 -7.03 7.28 12.85
C GLU A 153 -8.18 6.63 12.06
N LYS A 154 -8.85 7.39 11.21
CA LYS A 154 -9.96 6.80 10.48
C LYS A 154 -9.56 6.09 9.17
N TYR A 155 -8.37 6.34 8.65
CA TYR A 155 -7.90 5.68 7.42
C TYR A 155 -6.62 4.93 7.64
N LEU A 156 -6.16 4.25 6.60
CA LEU A 156 -4.92 3.46 6.64
C LEU A 156 -3.99 3.86 5.50
N THR A 157 -2.77 4.24 5.84
CA THR A 157 -1.82 4.60 4.78
C THR A 157 -0.54 3.80 4.88
N TRP A 158 -0.16 3.17 3.78
CA TRP A 158 1.04 2.36 3.75
C TRP A 158 2.29 3.21 3.68
N ALA A 159 3.44 2.55 3.65
CA ALA A 159 4.70 3.28 3.57
C ALA A 159 5.18 3.44 2.13
N SER A 160 6.02 4.43 1.93
CA SER A 160 6.54 4.73 0.63
C SER A 160 7.47 3.61 0.20
N ARG A 161 7.17 3.02 -0.95
CA ARG A 161 7.94 1.91 -1.52
C ARG A 161 8.51 2.32 -2.86
N GLN A 162 9.75 1.91 -3.12
CA GLN A 162 10.37 2.18 -4.41
C GLN A 162 9.62 1.25 -5.40
N GLU A 163 9.40 1.70 -6.63
CA GLU A 163 8.69 0.88 -7.59
C GLU A 163 9.54 0.34 -8.75
N PRO A 164 9.04 -0.71 -9.43
CA PRO A 164 9.71 -1.34 -10.56
C PRO A 164 9.95 -0.28 -11.61
N SER A 165 11.20 0.13 -11.79
CA SER A 165 11.45 1.16 -12.79
C SER A 165 12.85 1.16 -13.35
N GLN A 166 12.92 1.36 -14.65
CA GLN A 166 14.19 1.40 -15.35
C GLN A 166 14.77 2.82 -15.21
N GLY A 167 16.07 2.90 -14.94
CA GLY A 167 16.74 4.19 -14.82
C GLY A 167 16.56 5.04 -13.57
N THR A 168 15.40 5.67 -13.43
CA THR A 168 15.14 6.54 -12.30
C THR A 168 14.43 5.91 -11.11
N THR A 169 14.96 6.23 -9.93
CA THR A 169 14.44 5.76 -8.66
C THR A 169 13.28 6.63 -8.16
N THR A 170 12.07 6.10 -8.26
CA THR A 170 10.85 6.79 -7.84
C THR A 170 10.04 5.91 -6.88
N PHE A 171 9.30 6.54 -5.98
CA PHE A 171 8.51 5.76 -5.04
C PHE A 171 7.04 5.87 -5.22
N ALA A 172 6.31 5.02 -4.51
CA ALA A 172 4.85 5.08 -4.54
C ALA A 172 4.29 4.93 -3.13
N VAL A 173 2.99 5.27 -2.98
CA VAL A 173 2.26 5.17 -1.72
C VAL A 173 0.78 5.08 -1.99
N THR A 174 0.10 4.27 -1.19
CA THR A 174 -1.36 4.08 -1.28
C THR A 174 -2.05 4.32 0.06
N SER A 175 -3.28 4.82 0.02
CA SER A 175 -4.02 5.04 1.26
C SER A 175 -5.44 4.51 1.11
N ILE A 176 -5.95 3.86 2.14
CA ILE A 176 -7.29 3.31 2.08
C ILE A 176 -8.26 3.90 3.08
N LEU A 177 -9.20 4.67 2.56
CA LEU A 177 -10.23 5.29 3.41
C LEU A 177 -11.59 4.61 3.29
N ARG A 178 -11.97 3.87 4.31
CA ARG A 178 -13.26 3.21 4.30
C ARG A 178 -14.33 4.22 4.72
N VAL A 179 -15.33 4.38 3.87
CA VAL A 179 -16.40 5.34 4.10
C VAL A 179 -17.80 4.75 4.15
N ALA A 180 -18.70 5.43 4.86
CA ALA A 180 -20.08 5.00 4.99
C ALA A 180 -20.83 5.22 3.68
N ALA A 181 -21.18 4.12 3.03
CA ALA A 181 -21.88 4.12 1.74
C ALA A 181 -22.91 5.21 1.56
N GLU A 182 -23.80 5.35 2.54
CA GLU A 182 -24.86 6.37 2.48
C GLU A 182 -24.28 7.71 2.02
N ASP A 183 -23.15 8.08 2.62
CA ASP A 183 -22.46 9.32 2.29
C ASP A 183 -22.06 9.42 0.82
N TRP A 184 -21.34 8.42 0.32
CA TRP A 184 -20.91 8.42 -1.09
C TRP A 184 -22.15 8.60 -1.95
N LYS A 185 -23.19 7.83 -1.62
CA LYS A 185 -24.46 7.84 -2.33
C LYS A 185 -25.17 9.19 -2.26
N LYS A 186 -25.33 9.71 -1.05
CA LYS A 186 -25.98 11.00 -0.84
C LYS A 186 -25.33 12.08 -1.69
N GLY A 187 -24.02 11.94 -1.90
CA GLY A 187 -23.31 12.92 -2.70
C GLY A 187 -22.12 13.49 -1.97
N ASP A 188 -22.00 13.19 -0.67
CA ASP A 188 -20.87 13.68 0.10
C ASP A 188 -19.60 13.55 -0.75
N THR A 189 -18.80 14.59 -0.79
CA THR A 189 -17.58 14.60 -1.55
C THR A 189 -16.41 14.12 -0.67
N PHE A 190 -15.34 13.65 -1.31
CA PHE A 190 -14.13 13.18 -0.61
C PHE A 190 -12.87 13.59 -1.36
N SER A 191 -11.82 13.87 -0.60
CA SER A 191 -10.55 14.28 -1.20
C SER A 191 -9.32 13.63 -0.59
N CYS A 192 -8.32 13.43 -1.43
CA CYS A 192 -7.04 12.88 -1.00
C CYS A 192 -6.01 13.97 -1.20
N MET A 193 -5.43 14.42 -0.09
CA MET A 193 -4.40 15.46 -0.13
C MET A 193 -3.06 14.82 0.15
N VAL A 194 -2.13 15.03 -0.78
CA VAL A 194 -0.78 14.48 -0.69
C VAL A 194 0.24 15.58 -0.53
N GLY A 195 1.12 15.44 0.45
CA GLY A 195 2.15 16.44 0.69
C GLY A 195 3.49 15.87 0.29
N HIS A 196 4.29 16.68 -0.42
CA HIS A 196 5.60 16.24 -0.89
C HIS A 196 6.62 17.34 -1.12
N GLU A 197 7.85 17.08 -0.71
CA GLU A 197 8.95 18.02 -0.86
C GLU A 197 9.04 18.68 -2.23
N ALA A 198 8.65 17.94 -3.26
CA ALA A 198 8.73 18.45 -4.62
C ALA A 198 7.58 19.35 -5.05
N LEU A 199 6.38 19.09 -4.56
CA LEU A 199 5.25 19.94 -4.95
C LEU A 199 5.54 21.37 -4.52
N PRO A 200 5.35 22.34 -5.44
CA PRO A 200 5.56 23.79 -5.28
C PRO A 200 4.64 24.30 -4.18
N LEU A 201 3.38 23.92 -4.30
CA LEU A 201 2.36 24.27 -3.32
C LEU A 201 2.25 23.13 -2.27
N ALA A 202 3.38 22.57 -1.88
CA ALA A 202 3.45 21.50 -0.87
C ALA A 202 2.39 20.40 -0.88
N PHE A 203 1.19 20.71 -1.35
CA PHE A 203 0.13 19.71 -1.38
C PHE A 203 -0.56 19.67 -2.70
N THR A 204 -1.25 18.56 -2.93
CA THR A 204 -1.99 18.35 -4.16
C THR A 204 -3.27 17.75 -3.70
N GLN A 205 -4.37 18.36 -4.08
CA GLN A 205 -5.67 17.86 -3.69
C GLN A 205 -6.18 17.02 -4.84
N LYS A 206 -7.31 16.40 -4.64
CA LYS A 206 -7.93 15.56 -5.66
C LYS A 206 -9.22 15.09 -5.00
N THR A 207 -10.33 15.42 -5.63
CA THR A 207 -11.62 15.08 -5.07
C THR A 207 -12.40 14.22 -6.02
N ILE A 208 -13.35 13.45 -5.48
CA ILE A 208 -14.15 12.56 -6.30
C ILE A 208 -15.49 12.34 -5.60
N ASP A 209 -16.51 12.02 -6.39
CA ASP A 209 -17.87 11.79 -5.88
C ASP A 209 -18.68 11.17 -6.99
N ARG A 210 -19.61 10.28 -6.65
CA ARG A 210 -20.45 9.62 -7.65
C ARG A 210 -20.85 10.57 -8.80
N CYS B 2 24.70 -11.47 25.35
CA CYS B 2 23.46 -10.70 25.63
C CYS B 2 22.28 -11.64 25.91
N HIS B 3 21.11 -11.05 26.12
CA HIS B 3 19.89 -11.78 26.43
C HIS B 3 19.51 -12.84 25.40
N PRO B 4 19.61 -14.13 25.77
CA PRO B 4 19.28 -15.28 24.92
C PRO B 4 17.77 -15.40 24.72
N ARG B 5 17.37 -15.80 23.51
CA ARG B 5 15.95 -15.95 23.19
C ARG B 5 15.70 -17.07 22.19
N LEU B 6 14.44 -17.46 22.02
CA LEU B 6 14.07 -18.53 21.13
C LEU B 6 12.68 -18.31 20.52
N SER B 7 12.55 -18.48 19.21
CA SER B 7 11.26 -18.29 18.53
C SER B 7 11.02 -19.31 17.42
N LEU B 8 9.75 -19.45 17.06
CA LEU B 8 9.35 -20.36 16.00
C LEU B 8 8.83 -19.55 14.83
N HIS B 9 9.30 -19.87 13.63
CA HIS B 9 8.83 -19.11 12.48
C HIS B 9 7.96 -20.01 11.63
N ARG B 10 6.74 -19.57 11.40
CA ARG B 10 5.80 -20.35 10.61
C ARG B 10 6.32 -20.61 9.22
N PRO B 11 5.69 -21.55 8.50
CA PRO B 11 6.05 -21.91 7.13
C PRO B 11 5.59 -20.81 6.19
N ALA B 12 6.54 -20.11 5.57
CA ALA B 12 6.24 -19.03 4.65
C ALA B 12 5.09 -19.38 3.71
N LEU B 13 4.09 -18.50 3.63
CA LEU B 13 2.94 -18.76 2.78
C LEU B 13 3.24 -19.03 1.30
N GLU B 14 4.27 -18.40 0.74
CA GLU B 14 4.62 -18.66 -0.66
C GLU B 14 5.10 -20.11 -0.80
N ASP B 15 5.96 -20.52 0.13
CA ASP B 15 6.48 -21.88 0.15
C ASP B 15 5.34 -22.87 0.24
N LEU B 16 4.32 -22.57 1.04
CA LEU B 16 3.21 -23.49 1.17
C LEU B 16 2.41 -23.58 -0.12
N LEU B 17 1.91 -22.45 -0.61
CA LEU B 17 1.10 -22.44 -1.81
C LEU B 17 1.82 -22.47 -3.16
N LEU B 18 3.12 -22.14 -3.18
CA LEU B 18 3.86 -22.09 -4.44
C LEU B 18 5.25 -22.68 -4.45
N GLY B 19 5.70 -23.14 -3.29
CA GLY B 19 7.03 -23.72 -3.22
C GLY B 19 7.03 -25.24 -3.19
N SER B 20 8.22 -25.82 -3.18
CA SER B 20 8.37 -27.28 -3.15
C SER B 20 8.23 -27.83 -1.73
N GLU B 21 9.26 -27.63 -0.91
CA GLU B 21 9.27 -28.11 0.46
C GLU B 21 9.30 -26.94 1.44
N ALA B 22 8.11 -26.55 1.90
CA ALA B 22 7.98 -25.44 2.86
C ALA B 22 8.49 -25.83 4.25
N ASN B 23 9.58 -25.21 4.68
CA ASN B 23 10.16 -25.49 6.00
C ASN B 23 9.47 -24.71 7.12
N LEU B 24 9.98 -24.89 8.33
CA LEU B 24 9.44 -24.22 9.50
C LEU B 24 10.64 -24.01 10.40
N THR B 25 10.96 -22.76 10.72
CA THR B 25 12.16 -22.53 11.51
C THR B 25 12.01 -22.23 12.99
N CYS B 26 13.03 -22.64 13.74
CA CYS B 26 13.13 -22.43 15.18
C CYS B 26 14.54 -21.93 15.42
N THR B 27 14.66 -20.63 15.61
CA THR B 27 15.96 -20.02 15.83
C THR B 27 16.21 -19.51 17.25
N LEU B 28 17.35 -19.90 17.81
CA LEU B 28 17.75 -19.51 19.16
C LEU B 28 18.67 -18.29 19.13
N THR B 29 18.09 -17.11 19.19
CA THR B 29 18.86 -15.87 19.15
C THR B 29 19.35 -15.36 20.50
N GLY B 30 20.63 -14.98 20.54
CA GLY B 30 21.20 -14.45 21.78
C GLY B 30 22.21 -15.31 22.55
N LEU B 31 22.54 -16.47 22.02
CA LEU B 31 23.50 -17.33 22.70
C LEU B 31 24.89 -16.69 22.57
N ARG B 32 25.11 -15.61 23.32
CA ARG B 32 26.41 -14.94 23.30
C ARG B 32 27.41 -15.73 24.13
N ASP B 33 27.90 -16.82 23.56
CA ASP B 33 28.86 -17.69 24.22
C ASP B 33 29.33 -18.77 23.25
N ALA B 34 29.96 -19.82 23.78
CA ALA B 34 30.43 -20.91 22.94
C ALA B 34 29.21 -21.75 22.58
N SER B 35 28.90 -21.84 21.29
CA SER B 35 27.73 -22.60 20.85
C SER B 35 27.97 -24.10 20.68
N GLY B 36 26.90 -24.86 20.89
CA GLY B 36 26.94 -26.31 20.77
C GLY B 36 25.52 -26.76 21.02
N VAL B 37 24.60 -25.82 20.81
CA VAL B 37 23.17 -26.02 21.01
C VAL B 37 22.55 -27.30 20.50
N THR B 38 21.32 -27.54 20.95
CA THR B 38 20.52 -28.70 20.58
C THR B 38 19.12 -28.21 20.29
N PHE B 39 18.26 -29.10 19.79
CA PHE B 39 16.87 -28.75 19.49
C PHE B 39 15.97 -29.95 19.70
N THR B 40 14.69 -29.67 19.90
CA THR B 40 13.73 -30.75 20.12
C THR B 40 12.38 -30.32 19.62
N TRP B 41 11.82 -31.09 18.70
CA TRP B 41 10.50 -30.73 18.18
C TRP B 41 9.44 -31.69 18.70
N THR B 42 8.23 -31.18 18.91
CA THR B 42 7.18 -32.04 19.41
C THR B 42 6.77 -33.03 18.34
N PRO B 43 6.33 -32.56 17.17
CA PRO B 43 5.97 -33.56 16.16
C PRO B 43 7.22 -33.89 15.36
N SER B 44 7.87 -34.99 15.71
CA SER B 44 9.07 -35.42 15.00
C SER B 44 8.71 -36.71 14.29
N SER B 45 8.59 -36.63 12.98
CA SER B 45 8.21 -37.78 12.17
C SER B 45 9.02 -37.81 10.89
N GLY B 46 10.21 -38.38 10.96
CA GLY B 46 11.05 -38.42 9.78
C GLY B 46 11.61 -37.04 9.51
N LYS B 47 10.95 -36.03 10.08
CA LYS B 47 11.37 -34.65 9.91
C LYS B 47 12.68 -34.45 10.66
N SER B 48 13.76 -34.97 10.09
CA SER B 48 15.08 -34.85 10.70
C SER B 48 15.56 -33.40 10.70
N ALA B 49 15.20 -32.66 11.75
CA ALA B 49 15.58 -31.25 11.87
C ALA B 49 17.05 -31.00 11.51
N VAL B 50 17.29 -30.02 10.65
CA VAL B 50 18.64 -29.67 10.23
C VAL B 50 19.10 -28.40 10.91
N GLN B 51 20.32 -28.42 11.46
CA GLN B 51 20.90 -27.25 12.13
C GLN B 51 21.85 -26.54 11.18
N GLY B 52 22.19 -25.30 11.49
CA GLY B 52 23.08 -24.56 10.61
C GLY B 52 24.31 -23.96 11.28
N PRO B 53 25.09 -23.17 10.54
CA PRO B 53 26.28 -22.54 11.11
C PRO B 53 25.92 -21.37 12.05
N PRO B 54 26.64 -21.24 13.17
CA PRO B 54 26.44 -20.20 14.18
C PRO B 54 26.56 -18.76 13.68
N GLU B 55 25.58 -18.27 12.94
CA GLU B 55 25.60 -16.90 12.43
C GLU B 55 25.75 -15.90 13.59
N ARG B 56 26.03 -14.64 13.26
CA ARG B 56 26.20 -13.60 14.26
C ARG B 56 25.15 -12.51 14.09
N ASP B 57 24.76 -11.90 15.21
CA ASP B 57 23.75 -10.84 15.22
C ASP B 57 24.34 -9.50 15.62
N LEU B 58 23.58 -8.73 16.40
CA LEU B 58 24.01 -7.43 16.86
C LEU B 58 25.12 -7.51 17.89
N CYS B 59 26.27 -6.94 17.54
CA CYS B 59 27.46 -6.88 18.40
C CYS B 59 28.03 -8.21 18.89
N GLY B 60 27.22 -9.28 18.86
CA GLY B 60 27.73 -10.57 19.30
C GLY B 60 26.70 -11.65 19.57
N CYS B 61 25.42 -11.29 19.54
CA CYS B 61 24.35 -12.25 19.79
C CYS B 61 24.37 -13.40 18.78
N TYR B 62 25.50 -14.10 18.70
CA TYR B 62 25.66 -15.22 17.78
C TYR B 62 24.45 -16.14 17.87
N SER B 63 23.65 -16.17 16.81
CA SER B 63 22.44 -17.00 16.79
C SER B 63 22.59 -18.29 16.00
N VAL B 64 21.83 -19.31 16.41
CA VAL B 64 21.84 -20.63 15.77
C VAL B 64 20.42 -21.08 15.45
N SER B 65 20.21 -21.70 14.30
CA SER B 65 18.88 -22.13 13.90
C SER B 65 18.72 -23.62 13.63
N SER B 66 17.47 -24.01 13.43
CA SER B 66 17.12 -25.39 13.16
C SER B 66 15.87 -25.36 12.25
N VAL B 67 15.81 -26.29 11.31
CA VAL B 67 14.68 -26.31 10.39
C VAL B 67 13.98 -27.65 10.27
N LEU B 68 12.66 -27.62 10.37
CA LEU B 68 11.88 -28.84 10.29
C LEU B 68 11.17 -28.93 8.95
N PRO B 69 11.58 -29.90 8.11
CA PRO B 69 11.01 -30.12 6.78
C PRO B 69 9.73 -30.93 6.79
N GLY B 70 8.90 -30.70 5.76
CA GLY B 70 7.66 -31.43 5.62
C GLY B 70 6.49 -31.02 6.49
N CYS B 71 6.78 -30.19 7.49
CA CYS B 71 5.76 -29.73 8.45
C CYS B 71 4.52 -29.11 7.81
N ALA B 72 4.56 -28.97 6.49
CA ALA B 72 3.43 -28.40 5.74
C ALA B 72 2.11 -29.12 5.99
N GLU B 73 2.20 -30.42 6.22
CA GLU B 73 1.00 -31.23 6.47
C GLU B 73 0.39 -30.94 7.86
N PRO B 74 1.16 -31.17 8.94
CA PRO B 74 0.67 -30.94 10.31
C PRO B 74 0.23 -29.49 10.54
N TRP B 75 0.97 -28.57 9.92
CA TRP B 75 0.75 -27.12 10.02
C TRP B 75 -0.62 -26.59 9.61
N ASN B 76 -1.11 -27.02 8.46
CA ASN B 76 -2.41 -26.55 8.01
C ASN B 76 -3.48 -27.36 8.69
N HIS B 77 -3.10 -28.56 9.10
CA HIS B 77 -4.00 -29.45 9.80
C HIS B 77 -4.48 -28.69 11.04
N GLY B 78 -3.56 -27.99 11.67
CA GLY B 78 -3.87 -27.21 12.85
C GLY B 78 -3.02 -27.62 14.03
N LYS B 79 -2.13 -28.58 13.81
CA LYS B 79 -1.26 -29.08 14.87
C LYS B 79 -0.46 -27.93 15.47
N THR B 80 0.13 -28.12 16.64
CA THR B 80 0.93 -27.05 17.24
C THR B 80 2.38 -27.48 17.50
N PHE B 81 3.29 -26.93 16.71
CA PHE B 81 4.71 -27.27 16.81
C PHE B 81 5.43 -26.61 17.97
N THR B 82 6.28 -27.40 18.61
CA THR B 82 7.06 -26.93 19.75
C THR B 82 8.54 -27.08 19.50
N CYS B 83 9.34 -26.29 20.18
CA CYS B 83 10.77 -26.38 20.00
C CYS B 83 11.50 -25.90 21.25
N THR B 84 12.44 -26.73 21.68
CA THR B 84 13.21 -26.43 22.86
C THR B 84 14.68 -26.52 22.53
N ALA B 85 15.42 -25.44 22.81
CA ALA B 85 16.84 -25.40 22.53
C ALA B 85 17.64 -25.66 23.81
N ALA B 86 18.82 -26.24 23.66
CA ALA B 86 19.68 -26.55 24.80
C ALA B 86 21.11 -26.05 24.61
N TYR B 87 21.38 -24.83 25.07
CA TYR B 87 22.72 -24.24 24.97
C TYR B 87 23.41 -24.29 26.34
N PRO B 88 24.72 -23.96 26.40
CA PRO B 88 25.49 -23.98 27.65
C PRO B 88 25.29 -22.82 28.66
N GLU B 89 25.05 -21.61 28.16
CA GLU B 89 24.87 -20.44 29.03
C GLU B 89 23.69 -20.51 30.00
N SER B 90 23.11 -21.70 30.16
CA SER B 90 21.98 -21.89 31.07
C SER B 90 21.82 -23.34 31.52
N LYS B 91 20.93 -23.54 32.49
CA LYS B 91 20.65 -24.86 33.03
C LYS B 91 19.25 -25.23 32.62
N THR B 92 18.60 -24.35 31.87
CA THR B 92 17.25 -24.59 31.40
C THR B 92 17.08 -24.39 29.91
N PRO B 93 16.44 -25.35 29.25
CA PRO B 93 16.16 -25.36 27.81
C PRO B 93 15.05 -24.39 27.45
N LEU B 94 15.37 -23.41 26.62
CA LEU B 94 14.35 -22.46 26.22
C LEU B 94 13.37 -23.21 25.32
N THR B 95 12.12 -22.77 25.29
CA THR B 95 11.12 -23.41 24.46
C THR B 95 10.17 -22.43 23.77
N ALA B 96 9.73 -22.80 22.57
CA ALA B 96 8.81 -21.95 21.82
C ALA B 96 7.68 -22.80 21.24
N THR B 97 6.52 -22.20 21.02
CA THR B 97 5.39 -22.93 20.49
C THR B 97 4.61 -22.10 19.50
N LEU B 98 4.36 -22.64 18.30
CA LEU B 98 3.57 -21.93 17.28
C LEU B 98 2.56 -22.92 16.69
N SER B 99 1.47 -22.39 16.16
CA SER B 99 0.41 -23.18 15.54
C SER B 99 -0.32 -22.28 14.58
N LYS B 100 -0.93 -22.84 13.56
CA LYS B 100 -1.68 -22.03 12.60
C LYS B 100 -2.58 -21.04 13.36
N SER B 101 -2.65 -19.80 12.89
CA SER B 101 -3.47 -18.78 13.56
C SER B 101 -4.98 -19.09 13.59
N GLY B 102 -5.68 -18.44 14.51
CA GLY B 102 -7.11 -18.63 14.65
C GLY B 102 -7.87 -17.38 14.23
N ASN B 103 -9.18 -17.38 14.46
CA ASN B 103 -10.00 -16.22 14.11
C ASN B 103 -9.75 -15.80 12.66
N THR B 104 -9.67 -16.75 11.76
CA THR B 104 -9.41 -16.44 10.36
C THR B 104 -10.51 -15.68 9.65
N PHE B 105 -10.13 -14.73 8.80
CA PHE B 105 -11.04 -13.92 8.02
C PHE B 105 -10.68 -13.97 6.53
N ARG B 106 -11.58 -14.50 5.69
CA ARG B 106 -11.30 -14.57 4.26
C ARG B 106 -11.12 -13.14 3.71
N PRO B 107 -10.16 -12.94 2.79
CA PRO B 107 -9.89 -11.62 2.20
C PRO B 107 -10.94 -11.21 1.20
N GLU B 108 -11.05 -9.91 0.93
CA GLU B 108 -11.98 -9.40 -0.07
C GLU B 108 -11.14 -8.64 -1.10
N VAL B 109 -10.95 -9.24 -2.28
CA VAL B 109 -10.11 -8.64 -3.31
C VAL B 109 -10.80 -7.67 -4.27
N HIS B 110 -10.05 -6.66 -4.74
CA HIS B 110 -10.61 -5.67 -5.65
C HIS B 110 -9.66 -5.28 -6.78
N LEU B 111 -10.23 -5.12 -7.97
CA LEU B 111 -9.42 -4.75 -9.11
C LEU B 111 -9.85 -3.40 -9.65
N LEU B 112 -9.18 -2.36 -9.16
CA LEU B 112 -9.51 -1.03 -9.57
C LEU B 112 -8.88 -0.65 -10.90
N PRO B 113 -9.73 -0.22 -11.84
CA PRO B 113 -9.47 0.22 -13.21
C PRO B 113 -8.48 1.36 -13.26
N PRO B 114 -7.76 1.51 -14.37
CA PRO B 114 -6.78 2.60 -14.45
C PRO B 114 -7.46 3.97 -14.31
N PRO B 115 -6.84 4.88 -13.56
CA PRO B 115 -7.38 6.23 -13.36
C PRO B 115 -7.69 6.85 -14.71
N SER B 116 -8.92 7.33 -14.87
CA SER B 116 -9.34 7.96 -16.13
C SER B 116 -8.31 8.95 -16.71
N GLU B 117 -7.71 9.74 -15.84
CA GLU B 117 -6.72 10.72 -16.26
C GLU B 117 -5.43 10.04 -16.72
N GLU B 118 -5.22 8.80 -16.31
CA GLU B 118 -4.00 8.08 -16.70
C GLU B 118 -4.13 7.47 -18.09
N LEU B 119 -5.24 6.79 -18.34
CA LEU B 119 -5.47 6.13 -19.63
C LEU B 119 -5.53 7.09 -20.81
N ALA B 120 -5.49 8.40 -20.53
CA ALA B 120 -5.56 9.39 -21.59
C ALA B 120 -4.19 9.93 -22.04
N LEU B 121 -3.18 9.78 -21.19
CA LEU B 121 -1.84 10.23 -21.53
C LEU B 121 -1.16 9.09 -22.30
N ASN B 122 -1.98 8.20 -22.85
CA ASN B 122 -1.54 7.03 -23.63
C ASN B 122 -0.07 6.67 -23.48
N GLU B 123 0.27 6.00 -22.38
CA GLU B 123 1.63 5.56 -22.10
C GLU B 123 1.60 4.43 -21.08
N LEU B 124 1.66 4.77 -19.79
CA LEU B 124 1.61 3.76 -18.75
C LEU B 124 0.47 3.94 -17.77
N VAL B 125 -0.51 3.04 -17.85
CA VAL B 125 -1.67 3.09 -16.96
C VAL B 125 -1.48 2.18 -15.75
N THR B 126 -2.23 2.43 -14.68
CA THR B 126 -2.07 1.63 -13.49
C THR B 126 -3.26 0.84 -12.99
N LEU B 127 -3.00 -0.42 -12.66
CA LEU B 127 -4.03 -1.30 -12.13
C LEU B 127 -3.68 -1.47 -10.66
N THR B 128 -4.71 -1.35 -9.83
CA THR B 128 -4.55 -1.43 -8.39
C THR B 128 -5.30 -2.62 -7.81
N CYS B 129 -4.61 -3.38 -6.97
CA CYS B 129 -5.24 -4.52 -6.35
C CYS B 129 -5.41 -4.26 -4.85
N LEU B 130 -6.56 -4.68 -4.33
CA LEU B 130 -6.87 -4.47 -2.95
C LEU B 130 -7.35 -5.71 -2.20
N ALA B 131 -6.53 -6.19 -1.25
CA ALA B 131 -6.88 -7.33 -0.41
C ALA B 131 -7.21 -6.68 0.94
N ARG B 132 -8.48 -6.74 1.32
CA ARG B 132 -8.98 -6.06 2.52
C ARG B 132 -9.67 -6.92 3.56
N GLY B 133 -9.39 -6.65 4.83
CA GLY B 133 -10.00 -7.38 5.94
C GLY B 133 -9.84 -8.89 5.97
N PHE B 134 -8.61 -9.37 6.12
CA PHE B 134 -8.38 -10.81 6.16
C PHE B 134 -7.70 -11.35 7.43
N SER B 135 -7.94 -12.64 7.65
CA SER B 135 -7.47 -13.46 8.78
C SER B 135 -6.09 -13.14 9.33
N PRO B 136 -5.03 -13.80 8.84
CA PRO B 136 -3.78 -13.34 9.44
C PRO B 136 -3.12 -12.39 8.43
N LYS B 137 -2.05 -11.72 8.85
CA LYS B 137 -1.32 -10.80 7.97
C LYS B 137 -0.88 -11.46 6.65
N ASP B 138 -0.28 -12.63 6.75
CA ASP B 138 0.20 -13.37 5.59
C ASP B 138 -0.67 -13.35 4.32
N VAL B 139 -0.11 -12.88 3.20
CA VAL B 139 -0.86 -12.89 1.94
C VAL B 139 -0.02 -12.82 0.67
N LEU B 140 -0.46 -13.52 -0.36
CA LEU B 140 0.25 -13.51 -1.62
C LEU B 140 -0.55 -12.75 -2.68
N VAL B 141 0.14 -11.89 -3.42
CA VAL B 141 -0.47 -11.15 -4.51
C VAL B 141 0.39 -11.39 -5.75
N ARG B 142 -0.25 -11.87 -6.81
CA ARG B 142 0.40 -12.20 -8.07
C ARG B 142 -0.39 -11.56 -9.20
N TRP B 143 0.23 -11.33 -10.35
CA TRP B 143 -0.52 -10.72 -11.44
C TRP B 143 -0.51 -11.51 -12.73
N LEU B 144 -1.61 -11.42 -13.46
CA LEU B 144 -1.74 -12.12 -14.73
C LEU B 144 -2.01 -11.17 -15.85
N GLN B 145 -1.28 -11.41 -16.94
CA GLN B 145 -1.39 -10.67 -18.19
C GLN B 145 -1.99 -11.77 -19.09
N GLY B 146 -3.29 -11.72 -19.29
CA GLY B 146 -3.94 -12.74 -20.09
C GLY B 146 -4.03 -14.02 -19.26
N SER B 147 -3.05 -14.91 -19.43
CA SER B 147 -3.00 -16.16 -18.68
C SER B 147 -1.59 -16.43 -18.19
N GLN B 148 -0.71 -15.46 -18.42
CA GLN B 148 0.68 -15.57 -17.99
C GLN B 148 0.94 -14.71 -16.78
N GLU B 149 1.55 -15.32 -15.77
CA GLU B 149 1.91 -14.61 -14.53
C GLU B 149 3.08 -13.72 -14.93
N LEU B 150 3.19 -12.53 -14.35
CA LEU B 150 4.29 -11.66 -14.70
C LEU B 150 5.35 -11.82 -13.64
N PRO B 151 6.54 -11.30 -13.89
CA PRO B 151 7.62 -11.40 -12.92
C PRO B 151 7.32 -10.57 -11.68
N ARG B 152 7.46 -11.21 -10.53
CA ARG B 152 7.23 -10.53 -9.28
C ARG B 152 7.87 -9.14 -9.45
N GLU B 153 8.97 -9.13 -10.19
CA GLU B 153 9.75 -7.92 -10.46
C GLU B 153 9.06 -6.83 -11.30
N LYS B 154 7.96 -7.18 -11.96
CA LYS B 154 7.29 -6.18 -12.79
C LYS B 154 6.26 -5.31 -12.05
N TYR B 155 5.83 -5.74 -10.87
CA TYR B 155 4.85 -4.97 -10.09
C TYR B 155 5.41 -4.65 -8.72
N LEU B 156 4.62 -3.89 -7.95
CA LEU B 156 4.98 -3.47 -6.59
C LEU B 156 3.87 -3.83 -5.60
N THR B 157 4.21 -4.59 -4.56
CA THR B 157 3.22 -4.94 -3.56
C THR B 157 3.65 -4.53 -2.17
N TRP B 158 2.81 -3.76 -1.48
CA TRP B 158 3.12 -3.32 -0.13
C TRP B 158 2.94 -4.43 0.89
N ALA B 159 3.23 -4.12 2.15
CA ALA B 159 3.08 -5.10 3.22
C ALA B 159 1.69 -5.07 3.86
N SER B 160 1.31 -6.17 4.47
CA SER B 160 0.02 -6.28 5.11
C SER B 160 -0.02 -5.36 6.32
N ARG B 161 -1.00 -4.46 6.33
CA ARG B 161 -1.19 -3.50 7.42
C ARG B 161 -2.53 -3.75 8.08
N GLN B 162 -2.56 -3.61 9.41
CA GLN B 162 -3.81 -3.73 10.16
C GLN B 162 -4.57 -2.45 9.82
N GLU B 163 -5.89 -2.55 9.73
CA GLU B 163 -6.67 -1.37 9.37
C GLU B 163 -7.57 -0.81 10.49
N PRO B 164 -7.99 0.46 10.36
CA PRO B 164 -8.84 1.14 11.34
C PRO B 164 -10.09 0.31 11.48
N SER B 165 -10.27 -0.35 12.62
CA SER B 165 -11.46 -1.16 12.78
C SER B 165 -11.86 -1.39 14.23
N GLN B 166 -13.16 -1.31 14.46
CA GLN B 166 -13.73 -1.54 15.77
C GLN B 166 -13.89 -3.04 15.97
N GLY B 167 -13.53 -3.52 17.16
CA GLY B 167 -13.68 -4.92 17.50
C GLY B 167 -12.71 -5.95 16.94
N THR B 168 -12.86 -6.27 15.67
CA THR B 168 -12.02 -7.27 15.03
C THR B 168 -10.78 -6.78 14.31
N THR B 169 -9.68 -7.49 14.54
CA THR B 169 -8.39 -7.18 13.94
C THR B 169 -8.24 -7.82 12.56
N THR B 170 -8.35 -6.99 11.53
CA THR B 170 -8.23 -7.41 10.14
C THR B 170 -7.17 -6.58 9.40
N PHE B 171 -6.53 -7.18 8.41
CA PHE B 171 -5.50 -6.46 7.68
C PHE B 171 -5.85 -6.14 6.24
N ALA B 172 -5.02 -5.31 5.64
CA ALA B 172 -5.19 -4.97 4.23
C ALA B 172 -3.84 -5.00 3.50
N VAL B 173 -3.93 -5.08 2.16
CA VAL B 173 -2.77 -5.08 1.27
C VAL B 173 -3.17 -4.55 -0.11
N THR B 174 -2.26 -3.77 -0.69
CA THR B 174 -2.44 -3.18 -2.02
C THR B 174 -1.27 -3.54 -2.97
N SER B 175 -1.57 -3.65 -4.26
CA SER B 175 -0.52 -3.97 -5.21
C SER B 175 -0.68 -3.07 -6.44
N ILE B 176 0.44 -2.57 -6.94
CA ILE B 176 0.41 -1.67 -8.08
C ILE B 176 1.13 -2.19 -9.31
N LEU B 177 0.32 -2.58 -10.31
CA LEU B 177 0.85 -3.07 -11.59
C LEU B 177 0.78 -2.06 -12.72
N ARG B 178 1.93 -1.51 -13.08
CA ARG B 178 1.98 -0.55 -14.16
C ARG B 178 2.01 -1.31 -15.47
N VAL B 179 1.06 -1.02 -16.35
CA VAL B 179 0.92 -1.70 -17.62
C VAL B 179 0.99 -0.78 -18.83
N ALA B 180 1.39 -1.36 -19.97
CA ALA B 180 1.49 -0.62 -21.23
C ALA B 180 0.10 -0.33 -21.79
N ALA B 181 -0.27 0.94 -21.77
CA ALA B 181 -1.56 1.43 -22.23
C ALA B 181 -2.14 0.71 -23.45
N GLU B 182 -1.32 0.58 -24.49
CA GLU B 182 -1.74 -0.09 -25.73
C GLU B 182 -2.46 -1.38 -25.40
N ASP B 183 -1.89 -2.17 -24.50
CA ASP B 183 -2.46 -3.44 -24.06
C ASP B 183 -3.86 -3.29 -23.47
N TRP B 184 -4.01 -2.43 -22.46
CA TRP B 184 -5.31 -2.23 -21.83
C TRP B 184 -6.31 -1.88 -22.92
N LYS B 185 -5.90 -0.96 -23.79
CA LYS B 185 -6.72 -0.48 -24.91
C LYS B 185 -7.06 -1.58 -25.90
N LYS B 186 -6.05 -2.29 -26.37
CA LYS B 186 -6.24 -3.39 -27.32
C LYS B 186 -7.28 -4.37 -26.80
N GLY B 187 -7.32 -4.54 -25.48
CA GLY B 187 -8.27 -5.46 -24.90
C GLY B 187 -7.59 -6.48 -23.99
N ASP B 188 -6.26 -6.51 -24.01
CA ASP B 188 -5.53 -7.44 -23.17
C ASP B 188 -6.19 -7.45 -21.78
N THR B 189 -6.42 -8.64 -21.25
CA THR B 189 -7.03 -8.79 -19.95
C THR B 189 -5.96 -8.84 -18.87
N PHE B 190 -6.34 -8.54 -17.62
CA PHE B 190 -5.42 -8.56 -16.47
C PHE B 190 -6.12 -9.10 -15.23
N SER B 191 -5.36 -9.81 -14.41
CA SER B 191 -5.92 -10.40 -13.19
C SER B 191 -5.06 -10.24 -11.95
N CYS B 192 -5.72 -10.12 -10.80
CA CYS B 192 -5.03 -10.03 -9.54
C CYS B 192 -5.38 -11.28 -8.75
N MET B 193 -4.39 -12.13 -8.49
CA MET B 193 -4.59 -13.35 -7.72
C MET B 193 -4.03 -13.18 -6.33
N VAL B 194 -4.88 -13.38 -5.33
CA VAL B 194 -4.50 -13.24 -3.92
C VAL B 194 -4.53 -14.56 -3.21
N GLY B 195 -3.47 -14.87 -2.49
CA GLY B 195 -3.40 -16.13 -1.77
C GLY B 195 -3.49 -15.87 -0.27
N HIS B 196 -4.31 -16.67 0.41
CA HIS B 196 -4.50 -16.50 1.85
C HIS B 196 -4.92 -17.74 2.61
N GLU B 197 -4.33 -17.91 3.79
CA GLU B 197 -4.62 -19.03 4.66
C GLU B 197 -6.11 -19.37 4.79
N ALA B 198 -6.95 -18.34 4.78
CA ALA B 198 -8.36 -18.54 4.94
C ALA B 198 -9.11 -18.98 3.69
N LEU B 199 -8.68 -18.56 2.52
CA LEU B 199 -9.40 -18.95 1.31
C LEU B 199 -9.35 -20.47 1.19
N PRO B 200 -10.51 -21.10 0.93
CA PRO B 200 -10.71 -22.56 0.78
C PRO B 200 -9.88 -23.04 -0.40
N LEU B 201 -10.01 -22.33 -1.50
CA LEU B 201 -9.26 -22.65 -2.70
C LEU B 201 -7.96 -21.82 -2.74
N ALA B 202 -7.34 -21.65 -1.57
CA ALA B 202 -6.10 -20.90 -1.43
C ALA B 202 -5.94 -19.57 -2.21
N PHE B 203 -6.58 -19.44 -3.36
CA PHE B 203 -6.45 -18.24 -4.14
C PHE B 203 -7.77 -17.71 -4.58
N THR B 204 -7.77 -16.44 -4.97
CA THR B 204 -8.95 -15.78 -5.42
C THR B 204 -8.47 -14.97 -6.58
N GLN B 205 -9.13 -15.17 -7.71
CA GLN B 205 -8.75 -14.46 -8.92
C GLN B 205 -9.68 -13.28 -9.03
N LYS B 206 -9.44 -12.44 -10.01
CA LYS B 206 -10.27 -11.26 -10.24
C LYS B 206 -9.63 -10.66 -11.47
N THR B 207 -10.43 -10.52 -12.52
CA THR B 207 -9.94 -9.99 -13.77
C THR B 207 -10.71 -8.75 -14.17
N ILE B 208 -10.09 -7.92 -14.99
CA ILE B 208 -10.72 -6.69 -15.44
C ILE B 208 -10.13 -6.27 -16.78
N ASP B 209 -10.92 -5.54 -17.56
CA ASP B 209 -10.49 -5.09 -18.89
C ASP B 209 -11.48 -4.04 -19.35
N ARG B 210 -11.01 -3.04 -20.09
CA ARG B 210 -11.88 -1.97 -20.59
C ARG B 210 -13.26 -2.50 -21.01
N PRO C 6 -4.35 45.25 1.04
CA PRO C 6 -3.03 44.61 1.33
C PRO C 6 -3.16 43.51 2.37
N MET C 7 -4.34 42.88 2.43
CA MET C 7 -4.56 41.80 3.39
C MET C 7 -5.92 41.14 3.19
N PRO C 8 -6.03 39.84 3.53
CA PRO C 8 -7.27 39.07 3.41
C PRO C 8 -8.21 39.44 4.56
N PHE C 9 -9.52 39.41 4.30
CA PHE C 9 -10.46 39.78 5.34
C PHE C 9 -10.75 38.65 6.32
N ILE C 10 -11.41 39.00 7.43
CA ILE C 10 -11.78 38.03 8.47
C ILE C 10 -13.09 38.47 9.10
N SER C 11 -14.18 38.24 8.39
CA SER C 11 -15.49 38.60 8.85
C SER C 11 -16.03 37.67 9.91
N ALA C 12 -17.03 38.15 10.64
CA ALA C 12 -17.71 37.37 11.66
C ALA C 12 -19.10 37.30 11.07
N LYS C 13 -19.61 36.10 10.85
CA LYS C 13 -20.93 35.99 10.24
C LYS C 13 -22.07 36.39 11.19
N SER C 14 -21.75 36.50 12.47
CA SER C 14 -22.72 36.90 13.48
C SER C 14 -22.14 38.02 14.36
N SER C 15 -22.88 38.45 15.37
CA SER C 15 -22.39 39.52 16.23
C SER C 15 -21.14 39.19 16.99
N PRO C 16 -20.17 40.12 16.98
CA PRO C 16 -18.88 40.04 17.65
C PRO C 16 -19.06 40.23 19.15
N VAL C 17 -20.23 40.73 19.54
CA VAL C 17 -20.56 40.91 20.96
C VAL C 17 -21.38 39.68 21.37
N ILE C 18 -20.74 38.76 22.08
CA ILE C 18 -21.39 37.55 22.48
C ILE C 18 -21.51 37.39 23.98
N PRO C 19 -22.68 36.87 24.43
CA PRO C 19 -23.16 36.60 25.79
C PRO C 19 -22.71 35.25 26.31
N LEU C 20 -21.98 35.25 27.43
CA LEU C 20 -21.46 34.02 28.01
C LEU C 20 -22.13 32.77 27.48
N ASP C 21 -21.31 31.83 27.01
CA ASP C 21 -21.80 30.57 26.47
C ASP C 21 -22.60 30.83 25.18
N GLY C 22 -22.07 31.72 24.34
CA GLY C 22 -22.73 32.02 23.09
C GLY C 22 -21.88 31.47 21.97
N SER C 23 -22.07 31.97 20.75
CA SER C 23 -21.28 31.47 19.63
C SER C 23 -21.24 32.42 18.44
N VAL C 24 -20.26 32.22 17.58
CA VAL C 24 -20.07 33.01 16.36
C VAL C 24 -19.22 32.23 15.37
N LYS C 25 -19.51 32.41 14.08
CA LYS C 25 -18.74 31.75 13.05
C LYS C 25 -17.82 32.79 12.38
N ILE C 26 -16.53 32.70 12.69
CA ILE C 26 -15.53 33.58 12.08
C ILE C 26 -15.22 33.02 10.68
N GLN C 27 -15.00 33.88 9.70
CA GLN C 27 -14.71 33.40 8.37
C GLN C 27 -13.50 34.10 7.73
N CYS C 28 -12.42 33.34 7.55
CA CYS C 28 -11.22 33.86 6.95
C CYS C 28 -11.31 33.77 5.45
N GLN C 29 -10.80 34.79 4.79
CA GLN C 29 -10.86 34.86 3.33
C GLN C 29 -9.94 33.85 2.67
N ALA C 30 -10.52 33.08 1.74
CA ALA C 30 -9.81 32.07 0.98
C ALA C 30 -8.53 32.63 0.38
N ILE C 31 -7.71 31.74 -0.15
CA ILE C 31 -6.45 32.17 -0.74
C ILE C 31 -5.89 30.97 -1.53
N ARG C 32 -6.49 30.77 -2.70
CA ARG C 32 -6.16 29.68 -3.61
C ARG C 32 -4.75 29.10 -3.54
N GLU C 33 -3.72 29.94 -3.47
CA GLU C 33 -2.35 29.44 -3.40
C GLU C 33 -1.96 28.85 -2.03
N ALA C 34 -2.93 28.37 -1.25
CA ALA C 34 -2.61 27.83 0.08
C ALA C 34 -3.26 26.52 0.49
N TYR C 35 -2.50 25.71 1.21
CA TYR C 35 -2.98 24.41 1.63
C TYR C 35 -3.50 24.45 3.05
N LEU C 36 -3.04 25.43 3.83
CA LEU C 36 -3.48 25.47 5.21
C LEU C 36 -3.98 26.83 5.71
N THR C 37 -5.23 26.85 6.15
CA THR C 37 -5.84 28.08 6.68
C THR C 37 -5.89 27.89 8.19
N GLN C 38 -5.22 28.73 8.97
CA GLN C 38 -5.25 28.57 10.44
C GLN C 38 -5.79 29.74 11.23
N LEU C 39 -6.87 29.52 11.99
CA LEU C 39 -7.42 30.57 12.83
C LEU C 39 -6.66 30.62 14.18
N MET C 40 -5.96 31.72 14.45
CA MET C 40 -5.24 31.86 15.71
C MET C 40 -6.05 32.76 16.64
N ILE C 41 -5.41 33.17 17.72
CA ILE C 41 -6.03 34.06 18.68
C ILE C 41 -4.86 34.61 19.45
N ILE C 42 -4.72 35.93 19.39
CA ILE C 42 -3.61 36.58 20.08
C ILE C 42 -3.90 36.62 21.57
N LYS C 43 -2.85 36.81 22.37
CA LYS C 43 -2.95 36.87 23.82
C LYS C 43 -1.52 36.85 24.34
N ASN C 44 -1.09 37.93 25.00
CA ASN C 44 0.27 38.06 25.53
C ASN C 44 1.23 38.37 24.39
N SER C 45 0.68 38.89 23.29
CA SER C 45 1.45 39.24 22.08
C SER C 45 2.02 37.98 21.43
N THR C 46 1.26 36.89 21.51
CA THR C 46 1.63 35.59 20.94
C THR C 46 0.43 34.93 20.24
N TYR C 47 0.71 34.03 19.30
CA TYR C 47 -0.33 33.31 18.56
C TYR C 47 -0.72 31.98 19.22
N ARG C 48 -1.88 31.44 18.82
CA ARG C 48 -2.35 30.15 19.35
C ARG C 48 -3.48 29.58 18.48
N GLU C 49 -3.11 28.68 17.58
CA GLU C 49 -4.07 28.05 16.70
C GLU C 49 -5.23 27.51 17.51
N ILE C 50 -6.45 27.71 17.04
CA ILE C 50 -7.58 27.20 17.78
C ILE C 50 -8.52 26.61 16.75
N GLY C 51 -8.22 26.88 15.49
CA GLY C 51 -9.02 26.35 14.41
C GLY C 51 -8.02 25.98 13.33
N ARG C 52 -8.47 25.25 12.30
CA ARG C 52 -7.53 24.87 11.26
C ARG C 52 -8.20 24.23 10.06
N ARG C 53 -7.73 24.58 8.87
CA ARG C 53 -8.28 24.04 7.64
C ARG C 53 -7.27 23.64 6.59
N LEU C 54 -7.02 22.33 6.50
CA LEU C 54 -6.08 21.77 5.54
C LEU C 54 -6.81 21.51 4.24
N LYS C 55 -6.60 22.39 3.28
CA LYS C 55 -7.23 22.23 1.97
C LYS C 55 -7.03 23.46 1.10
N PHE C 56 -7.56 23.39 -0.12
CA PHE C 56 -7.47 24.48 -1.06
C PHE C 56 -8.90 24.91 -1.27
N TRP C 57 -9.16 26.20 -1.09
CA TRP C 57 -10.50 26.72 -1.28
C TRP C 57 -10.57 27.49 -2.59
N ASN C 58 -11.66 27.27 -3.31
CA ASN C 58 -11.86 27.91 -4.60
C ASN C 58 -13.34 28.20 -4.74
N GLU C 59 -14.14 27.43 -4.02
CA GLU C 59 -15.58 27.59 -4.07
C GLU C 59 -16.05 28.49 -2.95
N THR C 60 -15.64 28.17 -1.73
CA THR C 60 -16.06 28.92 -0.56
C THR C 60 -14.92 29.54 0.24
N ASP C 61 -15.19 29.75 1.52
CA ASP C 61 -14.22 30.33 2.44
C ASP C 61 -14.23 29.55 3.75
N PRO C 62 -13.06 29.41 4.38
CA PRO C 62 -12.81 28.72 5.64
C PRO C 62 -13.56 29.32 6.83
N GLU C 63 -14.70 28.72 7.18
CA GLU C 63 -15.43 29.22 8.33
C GLU C 63 -14.97 28.47 9.57
N PHE C 64 -14.83 29.16 10.69
CA PHE C 64 -14.47 28.49 11.93
C PHE C 64 -15.64 28.76 12.85
N VAL C 65 -15.67 28.09 13.99
CA VAL C 65 -16.80 28.29 14.88
C VAL C 65 -16.42 28.25 16.34
N ILE C 66 -16.55 29.37 17.02
CA ILE C 66 -16.26 29.40 18.44
C ILE C 66 -17.64 29.18 19.06
N ASP C 67 -17.72 28.27 20.03
CA ASP C 67 -18.99 27.97 20.69
C ASP C 67 -18.75 28.04 22.18
N HIS C 68 -19.84 28.18 22.95
CA HIS C 68 -19.74 28.28 24.41
C HIS C 68 -18.73 29.37 24.75
N MET C 69 -19.10 30.62 24.46
CA MET C 69 -18.23 31.76 24.69
C MET C 69 -17.88 32.04 26.16
N ASP C 70 -16.58 32.03 26.45
CA ASP C 70 -16.09 32.27 27.79
C ASP C 70 -15.16 33.46 27.75
N ALA C 71 -14.66 33.85 28.93
CA ALA C 71 -13.73 34.97 29.05
C ALA C 71 -12.50 34.75 28.19
N ASN C 72 -11.98 33.52 28.24
CA ASN C 72 -10.79 33.19 27.48
C ASN C 72 -10.97 33.19 25.99
N LYS C 73 -12.18 32.83 25.54
CA LYS C 73 -12.45 32.81 24.12
C LYS C 73 -12.58 34.23 23.59
N ALA C 74 -12.23 35.22 24.40
CA ALA C 74 -12.34 36.61 24.01
C ALA C 74 -11.00 37.33 23.78
N GLY C 75 -10.94 38.11 22.71
CA GLY C 75 -9.72 38.84 22.39
C GLY C 75 -9.56 39.04 20.89
N ARG C 76 -8.31 39.16 20.43
CA ARG C 76 -8.06 39.36 19.00
C ARG C 76 -7.76 38.04 18.25
N TYR C 77 -8.53 37.80 17.19
CA TYR C 77 -8.33 36.62 16.37
C TYR C 77 -7.67 37.06 15.07
N GLN C 78 -7.08 36.12 14.36
CA GLN C 78 -6.42 36.41 13.08
C GLN C 78 -6.21 35.13 12.30
N CYS C 79 -5.86 35.26 11.04
CA CYS C 79 -5.63 34.08 10.22
C CYS C 79 -4.27 34.02 9.56
N GLN C 80 -3.55 32.95 9.86
CA GLN C 80 -2.23 32.69 9.32
C GLN C 80 -2.35 31.65 8.21
N TYR C 81 -2.07 32.05 6.97
CA TYR C 81 -2.15 31.09 5.87
C TYR C 81 -0.77 30.62 5.43
N ARG C 82 -0.73 29.46 4.78
CA ARG C 82 0.52 28.89 4.30
C ARG C 82 0.50 28.68 2.79
N ILE C 83 1.59 29.11 2.17
CA ILE C 83 1.74 29.00 0.74
C ILE C 83 3.04 28.29 0.40
N GLY C 84 2.93 27.18 -0.32
CA GLY C 84 4.14 26.46 -0.70
C GLY C 84 4.83 25.86 0.49
N HIS C 85 6.08 26.23 0.73
CA HIS C 85 6.78 25.61 1.84
C HIS C 85 7.42 26.58 2.82
N TYR C 86 7.51 27.84 2.43
CA TYR C 86 8.14 28.81 3.32
C TYR C 86 7.28 30.06 3.43
N ARG C 87 6.35 30.21 2.50
CA ARG C 87 5.48 31.38 2.47
C ARG C 87 4.35 31.43 3.52
N PHE C 88 4.39 32.45 4.38
CA PHE C 88 3.37 32.69 5.41
C PHE C 88 2.66 34.03 5.17
N ARG C 89 1.34 34.01 5.11
CA ARG C 89 0.61 35.25 4.92
C ARG C 89 -0.62 35.35 5.84
N TYR C 90 -0.77 36.51 6.48
CA TYR C 90 -1.86 36.70 7.41
C TYR C 90 -3.00 37.60 6.90
N SER C 91 -4.04 37.72 7.72
CA SER C 91 -5.18 38.53 7.32
C SER C 91 -5.48 39.53 8.39
N ASP C 92 -6.46 40.37 8.08
CA ASP C 92 -6.93 41.42 8.97
C ASP C 92 -7.19 40.83 10.35
N THR C 93 -7.10 41.68 11.36
CA THR C 93 -7.32 41.25 12.73
C THR C 93 -8.81 41.35 13.07
N LEU C 94 -9.20 40.66 14.14
CA LEU C 94 -10.58 40.64 14.57
C LEU C 94 -10.69 40.69 16.08
N GLU C 95 -11.87 41.08 16.56
CA GLU C 95 -12.09 41.15 18.00
C GLU C 95 -13.47 40.65 18.36
N LEU C 96 -13.51 39.80 19.37
CA LEU C 96 -14.75 39.23 19.88
C LEU C 96 -14.84 39.61 21.35
N VAL C 97 -16.06 39.87 21.82
CA VAL C 97 -16.28 40.24 23.22
C VAL C 97 -17.41 39.46 23.92
N VAL C 98 -17.15 39.06 25.16
CA VAL C 98 -18.13 38.35 25.98
C VAL C 98 -19.00 39.37 26.73
N THR C 99 -20.30 39.09 26.83
CA THR C 99 -21.19 40.00 27.50
C THR C 99 -21.94 39.35 28.66
N GLY C 100 -21.93 40.02 29.81
CA GLY C 100 -22.63 39.50 30.96
C GLY C 100 -21.75 39.24 32.16
N LEU C 101 -20.68 40.00 32.28
CA LEU C 101 -19.76 39.84 33.42
C LEU C 101 -19.91 40.97 34.39
N TYR C 102 -20.89 41.84 34.13
CA TYR C 102 -21.14 42.99 34.98
C TYR C 102 -22.62 43.37 34.81
N GLY C 103 -23.15 44.16 35.75
CA GLY C 103 -24.55 44.58 35.65
C GLY C 103 -24.87 45.54 34.51
N LYS C 104 -26.11 45.48 34.04
CA LYS C 104 -26.58 46.35 32.94
C LYS C 104 -26.42 47.85 33.22
N PRO C 105 -26.15 48.63 32.16
CA PRO C 105 -26.00 50.06 32.32
C PRO C 105 -27.33 50.60 31.82
N PHE C 106 -27.56 51.91 31.91
CA PHE C 106 -28.82 52.47 31.45
C PHE C 106 -28.62 53.44 30.30
N LEU C 107 -29.41 53.26 29.23
CA LEU C 107 -29.30 54.12 28.05
C LEU C 107 -30.54 54.96 27.85
N SER C 108 -30.33 56.22 27.50
CA SER C 108 -31.44 57.13 27.28
C SER C 108 -31.00 58.28 26.41
N ALA C 109 -31.95 58.87 25.68
CA ALA C 109 -31.64 59.98 24.80
C ALA C 109 -32.45 61.20 25.20
N ASP C 110 -32.18 62.33 24.54
CA ASP C 110 -32.91 63.57 24.82
C ASP C 110 -34.02 63.81 23.81
N ARG C 111 -33.96 63.18 22.65
CA ARG C 111 -35.01 63.35 21.63
C ARG C 111 -36.09 62.27 21.85
N GLY C 112 -37.01 62.15 20.89
CA GLY C 112 -38.09 61.20 21.01
C GLY C 112 -37.84 59.81 20.42
N LEU C 113 -36.65 59.62 19.84
CA LEU C 113 -36.29 58.33 19.25
C LEU C 113 -37.11 58.03 18.00
N VAL C 114 -37.45 59.10 17.29
CA VAL C 114 -38.23 59.07 16.05
C VAL C 114 -37.78 60.35 15.32
N LEU C 115 -36.48 60.46 15.09
CA LEU C 115 -35.85 61.61 14.44
C LEU C 115 -36.18 61.81 12.95
N MET C 116 -35.79 62.98 12.43
CA MET C 116 -36.01 63.36 11.04
C MET C 116 -34.70 63.26 10.29
N PRO C 117 -34.76 62.93 8.99
CA PRO C 117 -33.61 62.76 8.08
C PRO C 117 -32.42 63.72 8.15
N GLY C 118 -32.36 64.56 9.17
CA GLY C 118 -31.23 65.48 9.28
C GLY C 118 -31.04 65.96 10.70
N GLU C 119 -32.01 65.61 11.56
CA GLU C 119 -31.98 66.00 12.95
C GLU C 119 -30.70 65.58 13.66
N ASN C 120 -30.58 66.01 14.92
CA ASN C 120 -29.43 65.69 15.77
C ASN C 120 -29.98 64.94 16.97
N ILE C 121 -29.10 64.18 17.64
CA ILE C 121 -29.48 63.39 18.80
C ILE C 121 -28.24 62.86 19.50
N SER C 122 -28.42 62.53 20.77
CA SER C 122 -27.34 61.99 21.56
C SER C 122 -27.94 61.00 22.53
N LEU C 123 -27.19 59.95 22.82
CA LEU C 123 -27.64 58.93 23.74
C LEU C 123 -26.70 58.94 24.94
N THR C 124 -27.28 58.96 26.13
CA THR C 124 -26.50 58.99 27.36
C THR C 124 -26.50 57.60 28.01
N CYS C 125 -25.32 57.08 28.31
CA CYS C 125 -25.21 55.77 28.91
C CYS C 125 -24.43 55.77 30.23
N SER C 126 -25.07 55.29 31.29
CA SER C 126 -24.43 55.28 32.59
C SER C 126 -24.96 54.22 33.53
N SER C 127 -24.43 54.23 34.75
CA SER C 127 -24.85 53.31 35.80
C SER C 127 -24.65 53.99 37.14
N ALA C 128 -25.45 53.60 38.11
CA ALA C 128 -25.37 54.18 39.44
C ALA C 128 -24.52 53.33 40.38
N HIS C 129 -24.61 52.01 40.22
CA HIS C 129 -23.88 51.08 41.06
C HIS C 129 -22.66 50.42 40.42
N ILE C 130 -22.25 50.88 39.24
CA ILE C 130 -21.06 50.34 38.57
C ILE C 130 -20.19 51.41 37.92
N PRO C 131 -18.91 51.46 38.31
CA PRO C 131 -17.84 52.38 37.87
C PRO C 131 -17.16 52.04 36.57
N PHE C 132 -17.89 51.40 35.65
CA PHE C 132 -17.32 51.04 34.35
C PHE C 132 -16.37 52.15 33.87
N ASP C 133 -15.17 51.76 33.44
CA ASP C 133 -14.18 52.73 32.95
C ASP C 133 -14.67 53.33 31.64
N ARG C 134 -15.20 52.50 30.75
CA ARG C 134 -15.69 52.99 29.47
C ARG C 134 -16.99 52.33 29.03
N PHE C 135 -17.59 52.88 27.98
CA PHE C 135 -18.84 52.37 27.43
C PHE C 135 -18.72 52.29 25.93
N SER C 136 -19.55 51.46 25.31
CA SER C 136 -19.54 51.29 23.85
C SER C 136 -20.96 51.20 23.41
N LEU C 137 -21.35 52.05 22.48
CA LEU C 137 -22.71 52.04 21.96
C LEU C 137 -22.73 51.06 20.78
N ALA C 138 -23.50 49.97 20.91
CA ALA C 138 -23.59 48.94 19.89
C ALA C 138 -24.89 48.91 19.13
N LYS C 139 -24.83 48.85 17.80
CA LYS C 139 -26.04 48.81 16.98
C LYS C 139 -26.32 47.38 16.52
N GLU C 140 -27.56 46.92 16.69
CA GLU C 140 -27.91 45.57 16.29
C GLU C 140 -27.57 45.35 14.82
N GLY C 141 -27.19 44.12 14.48
CA GLY C 141 -26.82 43.79 13.12
C GLY C 141 -25.34 43.95 12.85
N GLU C 142 -24.76 45.08 13.27
CA GLU C 142 -23.34 45.35 13.06
C GLU C 142 -22.46 44.11 13.29
N LEU C 143 -21.75 43.70 12.24
CA LEU C 143 -20.87 42.53 12.31
C LEU C 143 -19.46 42.92 12.78
N SER C 144 -19.38 44.01 13.54
CA SER C 144 -18.09 44.41 14.04
C SER C 144 -18.27 45.07 15.40
N LEU C 145 -17.20 45.17 16.17
CA LEU C 145 -17.30 45.83 17.47
C LEU C 145 -17.72 47.25 17.20
N PRO C 146 -18.57 47.83 18.07
CA PRO C 146 -19.05 49.21 17.90
C PRO C 146 -17.93 50.26 17.80
N GLN C 147 -18.17 51.27 16.97
CA GLN C 147 -17.20 52.34 16.78
C GLN C 147 -17.37 53.40 17.87
N HIS C 148 -18.57 53.46 18.45
CA HIS C 148 -18.84 54.41 19.53
C HIS C 148 -18.40 53.87 20.89
N GLN C 149 -17.44 54.56 21.51
CA GLN C 149 -16.96 54.18 22.84
C GLN C 149 -16.35 55.37 23.58
N SER C 150 -17.09 55.86 24.56
CA SER C 150 -16.66 57.00 25.38
C SER C 150 -15.90 56.57 26.64
N GLY C 151 -15.58 57.55 27.47
CA GLY C 151 -14.86 57.27 28.70
C GLY C 151 -15.27 58.25 29.78
N GLU C 152 -16.22 59.11 29.45
CA GLU C 152 -16.72 60.10 30.40
C GLU C 152 -17.97 59.53 31.09
N HIS C 153 -18.04 59.66 32.41
CA HIS C 153 -19.16 59.11 33.19
C HIS C 153 -20.45 58.99 32.37
N PRO C 154 -21.20 60.08 32.19
CA PRO C 154 -22.41 59.82 31.39
C PRO C 154 -22.04 59.79 29.90
N ALA C 155 -21.64 58.62 29.42
CA ALA C 155 -21.27 58.42 28.02
C ALA C 155 -22.12 59.30 27.10
N ASN C 156 -21.46 60.17 26.35
CA ASN C 156 -22.16 61.05 25.43
C ASN C 156 -22.01 60.49 24.03
N PHE C 157 -23.12 60.22 23.37
CA PHE C 157 -23.07 59.68 22.03
C PHE C 157 -23.84 60.52 21.03
N SER C 158 -23.10 61.35 20.31
CA SER C 158 -23.68 62.21 19.28
C SER C 158 -23.94 61.33 18.08
N LEU C 159 -24.91 61.68 17.26
CA LEU C 159 -25.18 60.90 16.07
C LEU C 159 -25.25 61.81 14.85
N GLY C 160 -24.67 62.99 15.00
CA GLY C 160 -24.63 63.98 13.92
C GLY C 160 -25.84 63.95 13.02
N PRO C 161 -25.69 64.34 11.73
CA PRO C 161 -26.81 64.34 10.77
C PRO C 161 -27.38 62.94 10.63
N VAL C 162 -28.40 62.61 11.44
CA VAL C 162 -28.98 61.28 11.35
C VAL C 162 -29.37 61.00 9.91
N ASP C 163 -29.44 59.72 9.57
CA ASP C 163 -29.81 59.27 8.24
C ASP C 163 -30.83 58.15 8.40
N LEU C 164 -31.23 57.55 7.28
CA LEU C 164 -32.18 56.44 7.34
C LEU C 164 -31.38 55.22 7.74
N ASN C 165 -30.11 55.24 7.32
CA ASN C 165 -29.18 54.15 7.61
C ASN C 165 -28.65 54.28 9.02
N VAL C 166 -29.33 55.07 9.84
CA VAL C 166 -28.95 55.26 11.24
C VAL C 166 -30.04 54.66 12.13
N SER C 167 -31.20 54.45 11.54
CA SER C 167 -32.29 53.85 12.28
C SER C 167 -31.86 52.47 12.73
N GLY C 168 -32.42 52.00 13.85
CA GLY C 168 -32.05 50.69 14.36
C GLY C 168 -31.99 50.72 15.88
N ILE C 169 -32.06 49.55 16.49
CA ILE C 169 -32.02 49.46 17.95
C ILE C 169 -30.58 49.44 18.49
N TYR C 170 -30.34 50.29 19.49
CA TYR C 170 -29.03 50.43 20.11
C TYR C 170 -28.99 49.89 21.53
N ARG C 171 -27.77 49.62 22.02
CA ARG C 171 -27.55 49.12 23.35
C ARG C 171 -26.14 49.48 23.75
N CYS C 172 -25.96 49.77 25.03
CA CYS C 172 -24.67 50.17 25.57
C CYS C 172 -24.05 49.14 26.52
N TYR C 173 -22.73 49.18 26.67
CA TYR C 173 -22.08 48.21 27.56
C TYR C 173 -21.07 48.77 28.58
N GLY C 174 -21.05 48.13 29.75
CA GLY C 174 -20.12 48.53 30.80
C GLY C 174 -18.79 47.97 30.38
N TRP C 175 -17.71 48.67 30.65
CA TRP C 175 -16.39 48.27 30.16
C TRP C 175 -15.28 48.57 31.18
N TYR C 176 -14.33 47.67 31.37
CA TYR C 176 -13.21 47.95 32.26
C TYR C 176 -11.89 47.90 31.47
N ASN C 177 -11.00 48.87 31.66
CA ASN C 177 -9.73 48.88 30.93
C ASN C 177 -8.85 47.66 31.16
N ARG C 178 -9.11 46.93 32.24
CA ARG C 178 -8.32 45.73 32.56
C ARG C 178 -8.98 44.48 32.02
N SER C 179 -9.73 44.60 30.93
CA SER C 179 -10.41 43.45 30.35
C SER C 179 -11.21 43.88 29.11
N PRO C 180 -10.64 44.80 28.33
CA PRO C 180 -11.24 45.35 27.12
C PRO C 180 -12.27 44.49 26.42
N TYR C 181 -12.12 43.16 26.53
CA TYR C 181 -13.04 42.25 25.87
C TYR C 181 -14.08 41.61 26.76
N LEU C 182 -14.11 42.03 28.02
CA LEU C 182 -15.07 41.54 29.00
C LEU C 182 -16.05 42.68 29.25
N TRP C 183 -17.25 42.54 28.70
CA TRP C 183 -18.29 43.55 28.81
C TRP C 183 -19.49 43.22 29.73
N SER C 184 -20.19 44.27 30.17
CA SER C 184 -21.34 44.09 31.04
C SER C 184 -22.52 43.47 30.29
N PHE C 185 -23.67 43.40 30.97
CA PHE C 185 -24.90 42.89 30.35
C PHE C 185 -25.37 44.04 29.49
N PRO C 186 -26.19 43.77 28.46
CA PRO C 186 -26.66 44.86 27.62
C PRO C 186 -27.59 45.75 28.40
N SER C 187 -27.59 47.03 28.06
CA SER C 187 -28.47 48.00 28.72
C SER C 187 -29.85 47.83 28.09
N ASN C 188 -30.73 48.78 28.38
CA ASN C 188 -32.05 48.73 27.80
C ASN C 188 -31.82 49.04 26.33
N ALA C 189 -32.78 48.71 25.47
CA ALA C 189 -32.63 48.96 24.06
C ALA C 189 -33.35 50.24 23.68
N LEU C 190 -32.99 50.79 22.54
CA LEU C 190 -33.61 52.02 22.04
C LEU C 190 -33.78 51.97 20.53
N GLU C 191 -34.99 51.64 20.07
CA GLU C 191 -35.25 51.57 18.63
C GLU C 191 -35.39 52.99 18.06
N LEU C 192 -34.25 53.61 17.79
CA LEU C 192 -34.23 54.94 17.21
C LEU C 192 -34.52 54.82 15.73
N VAL C 193 -35.79 54.91 15.35
CA VAL C 193 -36.21 54.81 13.96
C VAL C 193 -36.23 56.13 13.20
N VAL C 194 -35.25 56.33 12.30
CA VAL C 194 -35.17 57.55 11.50
C VAL C 194 -35.86 57.35 10.17
N THR C 195 -36.90 58.14 9.91
CA THR C 195 -37.67 58.05 8.69
C THR C 195 -38.09 59.43 8.18
N PRO D 6 -11.20 -41.58 -14.62
CA PRO D 6 -10.62 -41.38 -13.26
C PRO D 6 -9.34 -40.56 -13.30
N MET D 7 -9.23 -39.67 -14.29
CA MET D 7 -8.06 -38.82 -14.41
C MET D 7 -8.22 -37.79 -15.53
N PRO D 8 -7.55 -36.63 -15.41
CA PRO D 8 -7.59 -35.55 -16.41
C PRO D 8 -6.69 -35.91 -17.58
N PHE D 9 -7.06 -35.49 -18.78
CA PHE D 9 -6.25 -35.84 -19.93
C PHE D 9 -5.04 -34.93 -20.12
N ILE D 10 -4.13 -35.33 -21.00
CA ILE D 10 -2.92 -34.57 -21.30
C ILE D 10 -2.55 -34.78 -22.76
N SER D 11 -3.29 -34.12 -23.65
CA SER D 11 -3.06 -34.22 -25.08
C SER D 11 -1.85 -33.43 -25.54
N ALA D 12 -1.37 -33.79 -26.73
CA ALA D 12 -0.26 -33.12 -27.37
C ALA D 12 -0.94 -32.56 -28.60
N LYS D 13 -0.91 -31.24 -28.78
CA LYS D 13 -1.59 -30.66 -29.94
C LYS D 13 -0.91 -30.97 -31.26
N SER D 14 0.34 -31.43 -31.19
CA SER D 14 1.12 -31.78 -32.37
C SER D 14 1.72 -33.19 -32.20
N SER D 15 2.52 -33.63 -33.17
CA SER D 15 3.10 -34.96 -33.07
C SER D 15 4.05 -35.16 -31.92
N PRO D 16 3.89 -36.28 -31.21
CA PRO D 16 4.68 -36.70 -30.06
C PRO D 16 6.05 -37.16 -30.52
N VAL D 17 6.18 -37.41 -31.83
CA VAL D 17 7.46 -37.80 -32.41
C VAL D 17 8.09 -36.53 -32.98
N ILE D 18 9.08 -36.01 -32.27
CA ILE D 18 9.72 -34.79 -32.68
C ILE D 18 11.20 -34.95 -33.01
N PRO D 19 11.65 -34.27 -34.08
CA PRO D 19 12.97 -34.19 -34.70
C PRO D 19 13.85 -33.17 -34.04
N LEU D 20 15.01 -33.59 -33.53
CA LEU D 20 15.95 -32.71 -32.84
C LEU D 20 15.69 -31.24 -33.11
N ASP D 21 15.56 -30.46 -32.03
CA ASP D 21 15.31 -29.03 -32.14
C ASP D 21 13.94 -28.77 -32.75
N GLY D 22 12.95 -29.55 -32.33
CA GLY D 22 11.60 -29.38 -32.83
C GLY D 22 10.75 -28.82 -31.70
N SER D 23 9.43 -28.99 -31.79
CA SER D 23 8.57 -28.46 -30.74
C SER D 23 7.20 -29.10 -30.72
N VAL D 24 6.51 -28.95 -29.58
CA VAL D 24 5.16 -29.47 -29.39
C VAL D 24 4.49 -28.73 -28.26
N LYS D 25 3.18 -28.56 -28.36
CA LYS D 25 2.43 -27.91 -27.30
C LYS D 25 1.62 -28.97 -26.55
N ILE D 26 2.05 -29.28 -25.34
CA ILE D 26 1.34 -30.22 -24.49
C ILE D 26 0.17 -29.44 -23.83
N GLN D 27 -0.96 -30.10 -23.65
CA GLN D 27 -2.10 -29.43 -23.06
C GLN D 27 -2.77 -30.26 -21.96
N CYS D 28 -2.64 -29.78 -20.71
CA CYS D 28 -3.24 -30.45 -19.58
C CYS D 28 -4.67 -30.00 -19.40
N GLN D 29 -5.53 -30.95 -19.06
CA GLN D 29 -6.93 -30.67 -18.90
C GLN D 29 -7.23 -29.80 -17.68
N ALA D 30 -7.98 -28.73 -17.91
CA ALA D 30 -8.37 -27.78 -16.86
C ALA D 30 -8.98 -28.50 -15.67
N ILE D 31 -9.18 -27.77 -14.59
CA ILE D 31 -9.73 -28.36 -13.38
C ILE D 31 -10.10 -27.19 -12.46
N ARG D 32 -11.23 -26.58 -12.80
CA ARG D 32 -11.78 -25.44 -12.09
C ARG D 32 -11.43 -25.27 -10.60
N GLU D 33 -11.47 -26.35 -9.83
CA GLU D 33 -11.14 -26.25 -8.41
C GLU D 33 -9.64 -26.11 -8.12
N ALA D 34 -8.86 -25.58 -9.06
CA ALA D 34 -7.40 -25.47 -8.85
C ALA D 34 -6.75 -24.14 -9.23
N TYR D 35 -5.77 -23.77 -8.44
CA TYR D 35 -5.07 -22.52 -8.68
C TYR D 35 -3.79 -22.73 -9.41
N LEU D 36 -3.24 -23.94 -9.32
CA LEU D 36 -1.97 -24.19 -9.98
C LEU D 36 -1.89 -25.45 -10.83
N THR D 37 -1.59 -25.24 -12.10
CA THR D 37 -1.45 -26.35 -13.06
C THR D 37 0.07 -26.50 -13.31
N GLN D 38 0.66 -27.64 -12.98
CA GLN D 38 2.10 -27.81 -13.20
C GLN D 38 2.50 -28.96 -14.11
N LEU D 39 3.18 -28.65 -15.22
CA LEU D 39 3.64 -29.69 -16.13
C LEU D 39 5.00 -30.23 -15.64
N MET D 40 5.03 -31.50 -15.26
CA MET D 40 6.28 -32.10 -14.80
C MET D 40 6.86 -32.96 -15.92
N ILE D 41 7.86 -33.74 -15.57
CA ILE D 41 8.49 -34.64 -16.52
C ILE D 41 9.20 -35.64 -15.65
N ILE D 42 8.82 -36.90 -15.79
CA ILE D 42 9.42 -37.94 -14.99
C ILE D 42 10.82 -38.27 -15.52
N LYS D 43 11.63 -38.89 -14.68
CA LYS D 43 13.00 -39.25 -15.02
C LYS D 43 13.67 -39.70 -13.73
N ASN D 44 14.04 -40.99 -13.67
CA ASN D 44 14.67 -41.59 -12.48
C ASN D 44 13.58 -41.87 -11.45
N SER D 45 12.33 -41.97 -11.91
CA SER D 45 11.17 -42.22 -11.05
C SER D 45 10.92 -41.03 -10.12
N THR D 46 11.20 -39.83 -10.62
CA THR D 46 11.03 -38.58 -9.88
C THR D 46 10.42 -37.49 -10.78
N TYR D 47 9.79 -36.49 -10.15
CA TYR D 47 9.16 -35.39 -10.88
C TYR D 47 10.09 -34.19 -11.06
N ARG D 48 9.72 -33.29 -11.96
CA ARG D 48 10.52 -32.08 -12.22
C ARG D 48 9.73 -31.05 -13.02
N GLU D 49 9.14 -30.09 -12.32
CA GLU D 49 8.35 -29.05 -12.96
C GLU D 49 9.15 -28.44 -14.08
N ILE D 50 8.53 -28.23 -15.23
CA ILE D 50 9.25 -27.62 -16.32
C ILE D 50 8.32 -26.57 -16.92
N GLY D 51 7.07 -26.62 -16.49
CA GLY D 51 6.09 -25.66 -16.95
C GLY D 51 5.26 -25.31 -15.73
N ARG D 52 4.42 -24.30 -15.82
CA ARG D 52 3.62 -23.93 -14.68
C ARG D 52 2.56 -22.87 -14.98
N ARG D 53 1.36 -23.05 -14.43
CA ARG D 53 0.27 -22.14 -14.65
C ARG D 53 -0.53 -21.79 -13.41
N LEU D 54 -0.25 -20.60 -12.87
CA LEU D 54 -0.94 -20.10 -11.67
C LEU D 54 -2.18 -19.36 -12.11
N LYS D 55 -3.33 -20.02 -11.95
CA LYS D 55 -4.60 -19.42 -12.31
C LYS D 55 -5.73 -20.44 -12.26
N PHE D 56 -6.93 -19.96 -12.54
CA PHE D 56 -8.12 -20.80 -12.57
C PHE D 56 -8.59 -20.79 -14.00
N TRP D 57 -8.76 -21.97 -14.57
CA TRP D 57 -9.21 -22.07 -15.95
C TRP D 57 -10.68 -22.47 -15.98
N ASN D 58 -11.43 -21.82 -16.87
CA ASN D 58 -12.86 -22.08 -16.99
C ASN D 58 -13.21 -21.92 -18.46
N GLU D 59 -12.39 -21.16 -19.16
CA GLU D 59 -12.62 -20.93 -20.58
C GLU D 59 -11.82 -21.91 -21.42
N THR D 60 -10.53 -21.98 -21.14
CA THR D 60 -9.65 -22.84 -21.89
C THR D 60 -8.93 -23.91 -21.08
N ASP D 61 -7.79 -24.33 -21.60
CA ASP D 61 -6.95 -25.34 -20.96
C ASP D 61 -5.49 -24.92 -21.00
N PRO D 62 -4.75 -25.22 -19.92
CA PRO D 62 -3.33 -24.92 -19.73
C PRO D 62 -2.41 -25.55 -20.78
N GLU D 63 -2.02 -24.79 -21.78
CA GLU D 63 -1.11 -25.31 -22.78
C GLU D 63 0.32 -25.01 -22.38
N PHE D 64 1.21 -25.95 -22.58
CA PHE D 64 2.61 -25.69 -22.28
C PHE D 64 3.31 -25.85 -23.61
N VAL D 65 4.58 -25.48 -23.68
CA VAL D 65 5.28 -25.57 -24.94
C VAL D 65 6.73 -25.96 -24.80
N ILE D 66 7.08 -27.14 -25.29
CA ILE D 66 8.46 -27.56 -25.26
C ILE D 66 8.97 -27.14 -26.63
N ASP D 67 10.14 -26.48 -26.66
CA ASP D 67 10.72 -26.01 -27.91
C ASP D 67 12.15 -26.48 -27.94
N HIS D 68 12.75 -26.52 -29.13
CA HIS D 68 14.14 -26.96 -29.30
C HIS D 68 14.29 -28.32 -28.63
N MET D 69 13.65 -29.32 -29.22
CA MET D 69 13.66 -30.67 -28.68
C MET D 69 15.03 -31.36 -28.65
N ASP D 70 15.44 -31.73 -27.45
CA ASP D 70 16.71 -32.41 -27.24
C ASP D 70 16.45 -33.78 -26.60
N ALA D 71 17.53 -34.54 -26.41
CA ALA D 71 17.44 -35.86 -25.80
C ALA D 71 16.80 -35.77 -24.43
N ASN D 72 17.22 -34.76 -23.66
CA ASN D 72 16.71 -34.59 -22.31
C ASN D 72 15.25 -34.19 -22.25
N LYS D 73 14.81 -33.45 -23.25
CA LYS D 73 13.42 -33.03 -23.28
C LYS D 73 12.51 -34.21 -23.64
N ALA D 74 13.08 -35.42 -23.66
CA ALA D 74 12.32 -36.61 -24.02
C ALA D 74 12.06 -37.58 -22.88
N GLY D 75 10.83 -38.08 -22.82
CA GLY D 75 10.44 -39.01 -21.77
C GLY D 75 8.96 -38.90 -21.42
N ARG D 76 8.62 -39.23 -20.17
CA ARG D 76 7.22 -39.15 -19.75
C ARG D 76 6.87 -37.84 -19.03
N TYR D 77 5.85 -37.16 -19.54
CA TYR D 77 5.39 -35.92 -18.94
C TYR D 77 4.09 -36.21 -18.20
N GLN D 78 3.70 -35.33 -17.30
CA GLN D 78 2.48 -35.48 -16.53
C GLN D 78 2.08 -34.15 -15.91
N CYS D 79 0.86 -34.07 -15.41
CA CYS D 79 0.42 -32.84 -14.80
C CYS D 79 -0.06 -32.99 -13.37
N GLN D 80 0.56 -32.23 -12.47
CA GLN D 80 0.23 -32.22 -11.05
C GLN D 80 -0.58 -30.96 -10.77
N TYR D 81 -1.84 -31.13 -10.38
CA TYR D 81 -2.67 -29.96 -10.08
C TYR D 81 -2.81 -29.77 -8.57
N ARG D 82 -3.15 -28.54 -8.18
CA ARG D 82 -3.34 -28.24 -6.75
C ARG D 82 -4.72 -27.69 -6.48
N ILE D 83 -5.33 -28.24 -5.43
CA ILE D 83 -6.66 -27.84 -5.04
C ILE D 83 -6.67 -27.43 -3.57
N GLY D 84 -7.10 -26.21 -3.31
CA GLY D 84 -7.14 -25.77 -1.93
C GLY D 84 -5.76 -25.66 -1.32
N HIS D 85 -5.50 -26.37 -0.24
CA HIS D 85 -4.21 -26.23 0.40
C HIS D 85 -3.47 -27.52 0.63
N TYR D 86 -4.17 -28.64 0.50
CA TYR D 86 -3.50 -29.90 0.75
C TYR D 86 -3.79 -30.89 -0.38
N ARG D 87 -4.81 -30.59 -1.16
CA ARG D 87 -5.24 -31.45 -2.26
C ARG D 87 -4.36 -31.44 -3.51
N PHE D 88 -3.79 -32.61 -3.84
CA PHE D 88 -2.97 -32.79 -5.04
C PHE D 88 -3.60 -33.81 -6.00
N ARG D 89 -3.80 -33.42 -7.25
CA ARG D 89 -4.37 -34.35 -8.22
C ARG D 89 -3.62 -34.35 -9.55
N TYR D 90 -3.34 -35.54 -10.07
CA TYR D 90 -2.59 -35.64 -11.32
C TYR D 90 -3.43 -36.05 -12.53
N SER D 91 -2.78 -36.09 -13.68
CA SER D 91 -3.48 -36.47 -14.89
C SER D 91 -2.75 -37.59 -15.59
N ASP D 92 -3.37 -38.05 -16.67
CA ASP D 92 -2.84 -39.11 -17.50
C ASP D 92 -1.37 -38.81 -17.84
N THR D 93 -0.62 -39.87 -18.11
CA THR D 93 0.78 -39.71 -18.45
C THR D 93 0.94 -39.49 -19.96
N LEU D 94 2.10 -38.98 -20.34
CA LEU D 94 2.39 -38.68 -21.73
C LEU D 94 3.81 -39.06 -22.10
N GLU D 95 4.06 -39.24 -23.39
CA GLU D 95 5.40 -39.57 -23.85
C GLU D 95 5.74 -38.82 -25.11
N LEU D 96 6.94 -38.25 -25.13
CA LEU D 96 7.44 -37.50 -26.27
C LEU D 96 8.73 -38.17 -26.68
N VAL D 97 8.99 -38.22 -27.98
CA VAL D 97 10.22 -38.82 -28.49
C VAL D 97 10.99 -37.95 -29.52
N VAL D 98 12.32 -37.92 -29.38
CA VAL D 98 13.18 -37.18 -30.31
C VAL D 98 13.55 -38.08 -31.49
N THR D 99 13.59 -37.51 -32.67
CA THR D 99 13.92 -38.28 -33.85
C THR D 99 15.12 -37.74 -34.61
N GLY D 100 16.06 -38.63 -34.92
CA GLY D 100 17.23 -38.22 -35.67
C GLY D 100 18.54 -38.48 -34.96
N LEU D 101 18.56 -39.51 -34.14
CA LEU D 101 19.78 -39.85 -33.40
C LEU D 101 20.40 -41.11 -33.95
N TYR D 102 19.84 -41.59 -35.06
CA TYR D 102 20.35 -42.80 -35.69
C TYR D 102 19.93 -42.73 -37.15
N GLY D 103 20.56 -43.56 -38.00
CA GLY D 103 20.22 -43.56 -39.42
C GLY D 103 18.85 -44.11 -39.77
N LYS D 104 18.28 -43.65 -40.87
CA LYS D 104 16.97 -44.09 -41.34
C LYS D 104 16.87 -45.59 -41.58
N PRO D 105 15.68 -46.15 -41.32
CA PRO D 105 15.46 -47.59 -41.53
C PRO D 105 14.71 -47.62 -42.84
N PHE D 106 14.44 -48.81 -43.38
CA PHE D 106 13.73 -48.90 -44.65
C PHE D 106 12.39 -49.59 -44.49
N LEU D 107 11.34 -48.98 -45.02
CA LEU D 107 10.00 -49.56 -44.94
C LEU D 107 9.46 -49.99 -46.29
N SER D 108 8.79 -51.13 -46.32
CA SER D 108 8.24 -51.65 -47.56
C SER D 108 7.14 -52.66 -47.25
N ALA D 109 6.20 -52.79 -48.17
CA ALA D 109 5.10 -53.73 -47.99
C ALA D 109 5.08 -54.74 -49.12
N ASP D 110 4.19 -55.72 -49.01
CA ASP D 110 4.06 -56.75 -50.03
C ASP D 110 2.92 -56.47 -51.00
N ARG D 111 1.97 -55.62 -50.61
CA ARG D 111 0.85 -55.27 -51.48
C ARG D 111 1.24 -54.05 -52.32
N GLY D 112 0.27 -53.47 -53.02
CA GLY D 112 0.53 -52.32 -53.86
C GLY D 112 0.35 -50.95 -53.21
N LEU D 113 -0.05 -50.94 -51.94
CA LEU D 113 -0.26 -49.69 -51.19
C LEU D 113 -1.47 -48.92 -51.72
N VAL D 114 -2.46 -49.68 -52.17
CA VAL D 114 -3.72 -49.16 -52.70
C VAL D 114 -4.71 -50.31 -52.45
N LEU D 115 -4.82 -50.70 -51.17
CA LEU D 115 -5.69 -51.79 -50.74
C LEU D 115 -7.21 -51.56 -50.87
N MET D 116 -7.96 -52.64 -50.68
CA MET D 116 -9.42 -52.63 -50.75
C MET D 116 -9.99 -52.70 -49.34
N PRO D 117 -11.15 -52.08 -49.12
CA PRO D 117 -11.87 -52.03 -47.84
C PRO D 117 -11.93 -53.24 -46.93
N GLY D 118 -11.17 -54.28 -47.23
CA GLY D 118 -11.19 -55.46 -46.37
C GLY D 118 -9.93 -56.28 -46.53
N GLU D 119 -9.11 -55.90 -47.50
CA GLU D 119 -7.87 -56.58 -47.79
C GLU D 119 -6.95 -56.69 -46.57
N ASN D 120 -5.84 -57.40 -46.75
CA ASN D 120 -4.83 -57.59 -45.72
C ASN D 120 -3.53 -57.02 -46.25
N ILE D 121 -2.62 -56.69 -45.35
CA ILE D 121 -1.32 -56.12 -45.72
C ILE D 121 -0.39 -56.10 -44.53
N SER D 122 0.90 -56.02 -44.83
CA SER D 122 1.90 -55.98 -43.80
C SER D 122 3.03 -55.12 -44.31
N LEU D 123 3.66 -54.39 -43.40
CA LEU D 123 4.76 -53.52 -43.75
C LEU D 123 6.00 -54.05 -43.05
N THR D 124 7.09 -54.19 -43.79
CA THR D 124 8.34 -54.69 -43.24
C THR D 124 9.32 -53.54 -43.04
N CYS D 125 9.85 -53.43 -41.83
CA CYS D 125 10.79 -52.36 -41.51
C CYS D 125 12.12 -52.86 -40.98
N SER D 126 13.21 -52.49 -41.65
CA SER D 126 14.53 -52.94 -41.24
C SER D 126 15.66 -52.02 -41.67
N SER D 127 16.87 -52.43 -41.35
CA SER D 127 18.08 -51.70 -41.71
C SER D 127 19.20 -52.70 -41.90
N ALA D 128 20.16 -52.35 -42.74
CA ALA D 128 21.29 -53.22 -43.00
C ALA D 128 22.50 -52.84 -42.16
N HIS D 129 22.68 -51.55 -41.92
CA HIS D 129 23.80 -51.05 -41.14
C HIS D 129 23.49 -50.62 -39.70
N ILE D 130 22.27 -50.89 -39.22
CA ILE D 130 21.90 -50.53 -37.85
C ILE D 130 21.08 -51.62 -37.17
N PRO D 131 21.56 -52.09 -36.00
CA PRO D 131 21.00 -53.12 -35.11
C PRO D 131 19.90 -52.68 -34.17
N PHE D 132 19.11 -51.70 -34.58
CA PHE D 132 18.02 -51.21 -33.74
C PHE D 132 17.36 -52.38 -33.01
N ASP D 133 17.18 -52.24 -31.69
CA ASP D 133 16.54 -53.28 -30.89
C ASP D 133 15.10 -53.43 -31.29
N ARG D 134 14.40 -52.30 -31.46
CA ARG D 134 13.00 -52.34 -31.83
C ARG D 134 12.60 -51.29 -32.86
N PHE D 135 11.39 -51.42 -33.39
CA PHE D 135 10.89 -50.49 -34.40
C PHE D 135 9.46 -50.11 -34.03
N SER D 136 9.02 -48.95 -34.51
CA SER D 136 7.67 -48.47 -34.24
C SER D 136 7.12 -47.91 -35.51
N LEU D 137 5.96 -48.40 -35.93
CA LEU D 137 5.32 -47.92 -37.15
C LEU D 137 4.43 -46.75 -36.76
N ALA D 138 4.75 -45.56 -37.27
CA ALA D 138 4.04 -44.33 -36.95
C ALA D 138 3.20 -43.78 -38.07
N LYS D 139 1.95 -43.43 -37.78
CA LYS D 139 1.06 -42.88 -38.81
C LYS D 139 0.96 -41.37 -38.69
N GLU D 140 1.11 -40.68 -39.81
CA GLU D 140 1.03 -39.22 -39.78
C GLU D 140 -0.29 -38.77 -39.16
N GLY D 141 -0.26 -37.65 -38.46
CA GLY D 141 -1.46 -37.14 -37.83
C GLY D 141 -1.61 -37.60 -36.38
N GLU D 142 -1.41 -38.89 -36.15
CA GLU D 142 -1.53 -39.46 -34.81
C GLU D 142 -0.92 -38.58 -33.72
N LEU D 143 -1.74 -38.15 -32.78
CA LEU D 143 -1.29 -37.30 -31.67
C LEU D 143 -0.80 -38.13 -30.50
N SER D 144 -0.34 -39.35 -30.78
CA SER D 144 0.16 -40.18 -29.72
C SER D 144 1.25 -41.09 -30.26
N LEU D 145 2.09 -41.61 -29.38
CA LEU D 145 3.16 -42.49 -29.81
C LEU D 145 2.49 -43.66 -30.51
N PRO D 146 3.10 -44.18 -31.59
CA PRO D 146 2.52 -45.31 -32.33
C PRO D 146 2.28 -46.56 -31.49
N GLN D 147 1.18 -47.25 -31.80
CA GLN D 147 0.82 -48.47 -31.09
C GLN D 147 1.56 -49.67 -31.68
N HIS D 148 2.00 -49.55 -32.92
CA HIS D 148 2.75 -50.61 -33.58
C HIS D 148 4.25 -50.53 -33.25
N GLN D 149 4.77 -51.57 -32.59
CA GLN D 149 6.18 -51.61 -32.26
C GLN D 149 6.65 -53.06 -32.07
N SER D 150 7.40 -53.56 -33.06
CA SER D 150 7.92 -54.92 -33.03
C SER D 150 9.32 -55.01 -32.40
N GLY D 151 9.90 -56.20 -32.44
CA GLY D 151 11.21 -56.41 -31.89
C GLY D 151 11.97 -57.47 -32.67
N GLU D 152 11.33 -57.96 -33.73
CA GLU D 152 11.93 -58.97 -34.59
C GLU D 152 12.62 -58.26 -35.77
N HIS D 153 13.84 -58.67 -36.09
CA HIS D 153 14.62 -58.05 -37.16
C HIS D 153 13.74 -57.41 -38.23
N PRO D 154 13.21 -58.19 -39.18
CA PRO D 154 12.39 -57.45 -40.15
C PRO D 154 11.00 -57.19 -39.56
N ALA D 155 10.88 -56.08 -38.83
CA ALA D 155 9.63 -55.68 -38.20
C ALA D 155 8.43 -56.07 -39.07
N ASN D 156 7.55 -56.88 -38.50
CA ASN D 156 6.38 -57.32 -39.23
C ASN D 156 5.19 -56.52 -38.73
N PHE D 157 4.51 -55.82 -39.64
CA PHE D 157 3.37 -55.02 -39.26
C PHE D 157 2.12 -55.38 -40.03
N SER D 158 1.27 -56.19 -39.39
CA SER D 158 0.02 -56.62 -39.98
C SER D 158 -0.93 -55.45 -39.81
N LEU D 159 -1.91 -55.34 -40.71
CA LEU D 159 -2.87 -54.27 -40.60
C LEU D 159 -4.29 -54.83 -40.68
N GLY D 160 -4.40 -56.13 -40.41
CA GLY D 160 -5.68 -56.82 -40.42
C GLY D 160 -6.67 -56.28 -41.44
N PRO D 161 -7.98 -56.37 -41.17
CA PRO D 161 -9.02 -55.88 -42.09
C PRO D 161 -8.85 -54.37 -42.31
N VAL D 162 -8.09 -53.99 -43.33
CA VAL D 162 -7.88 -52.57 -43.57
C VAL D 162 -9.23 -51.88 -43.66
N ASP D 163 -9.23 -50.58 -43.38
CA ASP D 163 -10.44 -49.77 -43.42
C ASP D 163 -10.10 -48.49 -44.17
N LEU D 164 -11.05 -47.56 -44.24
CA LEU D 164 -10.80 -46.29 -44.91
C LEU D 164 -10.02 -45.44 -43.92
N ASN D 165 -10.30 -45.68 -42.65
CA ASN D 165 -9.66 -44.98 -41.55
C ASN D 165 -8.27 -45.54 -41.29
N VAL D 166 -7.75 -46.31 -42.26
CA VAL D 166 -6.42 -46.91 -42.17
C VAL D 166 -5.53 -46.27 -43.22
N SER D 167 -6.15 -45.61 -44.19
CA SER D 167 -5.40 -44.95 -45.22
C SER D 167 -4.55 -43.86 -44.55
N GLY D 168 -3.42 -43.52 -45.16
CA GLY D 168 -2.55 -42.51 -44.60
C GLY D 168 -1.10 -42.89 -44.79
N ILE D 169 -0.21 -41.92 -44.69
CA ILE D 169 1.22 -42.19 -44.86
C ILE D 169 1.90 -42.67 -43.58
N TYR D 170 2.64 -43.78 -43.70
CA TYR D 170 3.33 -44.37 -42.57
C TYR D 170 4.84 -44.19 -42.63
N ARG D 171 5.50 -44.36 -41.49
CA ARG D 171 6.94 -44.24 -41.36
C ARG D 171 7.38 -45.03 -40.16
N CYS D 172 8.55 -45.66 -40.27
CA CYS D 172 9.09 -46.49 -39.20
C CYS D 172 10.34 -45.89 -38.52
N TYR D 173 10.60 -46.30 -37.27
CA TYR D 173 11.77 -45.75 -36.57
C TYR D 173 12.68 -46.77 -35.89
N GLY D 174 13.98 -46.47 -35.92
CA GLY D 174 14.99 -47.29 -35.29
C GLY D 174 14.87 -47.03 -33.81
N TRP D 175 15.09 -48.05 -33.00
CA TRP D 175 14.85 -47.90 -31.56
C TRP D 175 15.84 -48.70 -30.71
N TYR D 176 16.34 -48.14 -29.62
CA TYR D 176 17.23 -48.91 -28.74
C TYR D 176 16.62 -49.01 -27.35
N ASN D 177 16.64 -50.20 -26.74
CA ASN D 177 16.05 -50.37 -25.41
C ASN D 177 16.67 -49.51 -24.31
N ARG D 178 17.87 -49.00 -24.57
CA ARG D 178 18.57 -48.16 -23.61
C ARG D 178 18.32 -46.67 -23.87
N SER D 179 17.17 -46.35 -24.44
CA SER D 179 16.83 -44.96 -24.74
C SER D 179 15.45 -44.89 -25.40
N PRO D 180 14.51 -45.71 -24.93
CA PRO D 180 13.15 -45.80 -25.46
C PRO D 180 12.60 -44.56 -26.14
N TYR D 181 13.08 -43.39 -25.71
CA TYR D 181 12.58 -42.15 -26.27
C TYR D 181 13.52 -41.47 -27.25
N LEU D 182 14.61 -42.15 -27.57
CA LEU D 182 15.57 -41.64 -28.56
C LEU D 182 15.42 -42.52 -29.81
N TRP D 183 14.80 -41.95 -30.83
CA TRP D 183 14.54 -42.66 -32.08
C TRP D 183 15.39 -42.25 -33.31
N SER D 184 15.49 -43.15 -34.27
CA SER D 184 16.25 -42.89 -35.48
C SER D 184 15.55 -41.83 -36.37
N PHE D 185 16.10 -41.60 -37.56
CA PHE D 185 15.52 -40.68 -38.52
C PHE D 185 14.36 -41.44 -39.11
N PRO D 186 13.38 -40.74 -39.66
CA PRO D 186 12.24 -41.45 -40.23
C PRO D 186 12.68 -42.22 -41.46
N SER D 187 12.01 -43.33 -41.71
CA SER D 187 12.30 -44.17 -42.86
C SER D 187 11.61 -43.50 -44.03
N ASN D 188 11.55 -44.21 -45.15
CA ASN D 188 10.87 -43.70 -46.33
C ASN D 188 9.40 -43.73 -45.94
N ALA D 189 8.57 -42.98 -46.65
CA ALA D 189 7.16 -42.95 -46.34
C ALA D 189 6.38 -43.87 -47.26
N LEU D 190 5.18 -44.23 -46.83
CA LEU D 190 4.32 -45.10 -47.62
C LEU D 190 2.87 -44.66 -47.53
N GLU D 191 2.39 -43.96 -48.56
CA GLU D 191 1.01 -43.48 -48.56
C GLU D 191 0.08 -44.62 -48.92
N LEU D 192 -0.24 -45.45 -47.92
CA LEU D 192 -1.13 -46.57 -48.12
C LEU D 192 -2.56 -46.05 -48.12
N VAL D 193 -3.07 -45.73 -49.32
CA VAL D 193 -4.42 -45.20 -49.47
C VAL D 193 -5.50 -46.27 -49.66
N VAL D 194 -6.30 -46.50 -48.62
CA VAL D 194 -7.39 -47.49 -48.70
C VAL D 194 -8.69 -46.82 -49.11
N THR D 195 -9.23 -47.23 -50.24
CA THR D 195 -10.48 -46.67 -50.75
C THR D 195 -11.36 -47.74 -51.39
C1 NAG E . 10.09 19.75 17.79
C2 NAG E . 10.25 18.27 17.43
C3 NAG E . 8.89 17.59 17.54
C4 NAG E . 8.31 17.80 18.95
C5 NAG E . 8.30 19.31 19.30
C6 NAG E . 7.86 19.57 20.74
C7 NAG E . 11.34 16.97 15.70
C8 NAG E . 10.54 16.08 14.76
N2 NAG E . 10.78 18.11 16.09
O3 NAG E . 9.05 16.20 17.29
O4 NAG E . 6.97 17.26 19.02
O5 NAG E . 9.62 19.87 19.13
O6 NAG E . 8.73 20.54 21.37
O7 NAG E . 12.45 16.61 16.09
C1 NAG E . 6.86 15.88 18.89
C2 NAG E . 5.74 15.32 19.79
C3 NAG E . 5.70 13.79 19.59
C4 NAG E . 5.64 13.37 18.10
C5 NAG E . 6.67 14.15 17.26
C6 NAG E . 6.48 13.97 15.77
C7 NAG E . 5.05 15.98 22.03
C8 NAG E . 4.56 14.89 22.97
N2 NAG E . 6.03 15.65 21.18
O3 NAG E . 4.58 13.24 20.30
O4 NAG E . 5.92 11.95 18.00
O5 NAG E . 6.57 15.57 17.52
O6 NAG E . 7.14 15.00 15.03
O7 NAG E . 4.57 17.10 22.08
C1 BMA E . 5.11 11.12 17.22
C2 BMA E . 3.70 10.96 17.80
C3 BMA E . 2.90 9.98 16.93
C4 BMA E . 2.95 10.39 15.45
C5 BMA E . 4.38 10.68 14.97
C6 BMA E . 4.47 11.31 13.57
O2 BMA E . 3.04 12.22 17.85
O3 BMA E . 1.56 9.94 17.37
O4 BMA E . 2.40 9.32 14.67
O5 BMA E . 5.03 11.62 15.87
O6 BMA E . 3.34 10.94 12.75
C1 BMA E . 3.72 10.67 11.41
C2 BMA E . 2.55 10.06 10.59
C3 BMA E . 2.43 10.71 9.18
C4 BMA E . 3.81 10.88 8.50
C5 BMA E . 4.87 11.46 9.46
C6 BMA E . 5.56 12.71 8.92
O2 BMA E . 1.27 10.08 11.29
O3 BMA E . 1.80 11.98 9.26
O4 BMA E . 4.24 9.63 7.97
O5 BMA E . 4.29 11.79 10.74
O6 BMA E . 6.17 13.45 9.97
C1 NAG E . 0.69 11.29 11.70
C2 NAG E . -0.74 11.37 11.13
C3 NAG E . -1.48 12.59 11.73
C4 NAG E . -1.50 12.44 13.25
C5 NAG E . -0.04 12.44 13.71
C6 NAG E . 0.14 12.41 15.21
C7 NAG E . -0.96 10.40 8.93
C8 NAG E . -2.41 10.05 8.69
N2 NAG E . -0.71 11.47 9.68
O3 NAG E . -2.79 12.68 11.20
O4 NAG E . -2.25 13.52 13.87
O5 NAG E . 0.65 11.29 13.15
O6 NAG E . 0.56 13.67 15.70
O7 NAG E . -0.07 9.72 8.41
C1 GAL E . -3.56 13.23 14.29
C2 GAL E . -3.81 13.79 15.69
C3 GAL E . -5.29 13.65 16.11
C4 GAL E . -6.25 14.08 14.98
C5 GAL E . -5.85 13.50 13.63
C6 GAL E . -6.68 14.12 12.51
O2 GAL E . -2.99 13.11 16.64
O3 GAL E . -5.55 14.51 17.26
O4 GAL E . -6.30 15.50 14.90
O5 GAL E . -4.47 13.82 13.34
O6 GAL E . -6.09 13.89 11.24
C1 SIA E . -6.47 14.98 19.43
C2 SIA E . -5.73 13.97 18.54
C3 SIA E . -4.36 13.62 19.15
C4 SIA E . -4.52 12.92 20.51
C5 SIA E . -5.52 11.76 20.42
C6 SIA E . -6.83 12.20 19.75
C7 SIA E . -7.77 11.00 19.57
C8 SIA E . -8.62 10.77 20.83
C9 SIA E . -9.47 12.00 21.16
C10 SIA E . -5.02 11.54 22.78
C11 SIA E . -5.37 12.75 23.62
N5 SIA E . -5.81 11.25 21.75
O1A SIA E . -7.23 15.83 18.88
O1B SIA E . -6.32 14.93 20.67
O4 SIA E . -3.26 12.44 20.94
O6 SIA E . -6.55 12.78 18.45
O7 SIA E . -8.62 11.21 18.45
O8 SIA E . -9.45 9.65 20.64
O9 SIA E . -10.33 12.30 20.07
O10 SIA E . -4.02 10.87 23.06
C1 FUL E . 8.96 20.20 22.72
C2 FUL E . 8.47 21.30 23.66
O2 FUL E . 8.36 20.78 24.98
C3 FUL E . 9.42 22.49 23.65
O3 FUL E . 9.39 23.14 22.39
C4 FUL E . 10.85 22.03 23.96
O4 FUL E . 11.74 23.13 23.87
C5 FUL E . 11.29 20.93 22.98
C6 FUL E . 11.50 21.37 21.54
O5 FUL E . 10.33 19.84 22.98
C1 NAG F . 12.96 -25.19 2.36
C2 NAG F . 13.01 -23.76 2.90
C3 NAG F . 13.16 -22.80 1.73
C4 NAG F . 14.40 -23.17 0.89
C5 NAG F . 14.34 -24.66 0.49
C6 NAG F . 15.61 -25.11 -0.22
C7 NAG F . 11.81 -22.44 4.51
C8 NAG F . 11.06 -21.17 4.10
N2 NAG F . 11.81 -23.45 3.66
O3 NAG F . 13.30 -21.47 2.23
O4 NAG F . 14.48 -22.33 -0.29
O5 NAG F . 14.17 -25.48 1.66
O6 NAG F . 16.06 -26.39 0.28
O7 NAG F . 12.38 -22.48 5.60
C1 NAG F . 14.70 -20.97 -0.06
C2 NAG F . 15.60 -20.36 -1.14
C3 NAG F . 15.81 -18.87 -0.80
C4 NAG F . 14.47 -18.12 -0.54
C5 NAG F . 13.56 -18.93 0.41
C6 NAG F . 12.15 -18.37 0.52
C7 NAG F . 17.51 -21.31 -2.31
C8 NAG F . 18.65 -20.37 -2.68
N2 NAG F . 16.87 -21.06 -1.16
O3 NAG F . 16.51 -18.22 -1.87
O4 NAG F . 14.76 -16.84 0.07
O5 NAG F . 13.43 -20.30 -0.04
O6 NAG F . 11.25 -19.34 1.03
O7 NAG F . 17.21 -22.24 -3.04
C1 BMA F . 14.15 -15.67 -0.38
C2 BMA F . 14.62 -15.29 -1.80
C3 BMA F . 13.96 -13.97 -2.20
C4 BMA F . 12.43 -14.02 -2.02
C5 BMA F . 12.03 -14.57 -0.63
C6 BMA F . 10.53 -14.86 -0.45
O2 BMA F . 14.26 -16.30 -2.72
O3 BMA F . 14.26 -13.68 -3.55
O4 BMA F . 11.90 -12.70 -2.16
O5 BMA F . 12.72 -15.81 -0.36
O6 BMA F . 9.73 -14.02 -1.33
C1 BMA F . 8.56 -13.57 -0.69
C2 BMA F . 7.80 -12.51 -1.54
C3 BMA F . 6.27 -12.77 -1.57
C4 BMA F . 5.71 -13.13 -0.18
C5 BMA F . 6.59 -14.17 0.56
C6 BMA F . 5.82 -15.39 1.02
O2 BMA F . 8.34 -12.35 -2.88
O3 BMA F . 5.95 -13.81 -2.48
O4 BMA F . 5.57 -11.96 0.61
O5 BMA F . 7.68 -14.62 -0.29
O6 BMA F . 6.69 -16.49 1.27
C1 NAG F . 8.37 -13.43 -3.78
C2 NAG F . 7.66 -13.00 -5.09
C3 NAG F . 7.85 -14.09 -6.16
C4 NAG F . 9.34 -14.29 -6.41
C5 NAG F . 9.92 -14.78 -5.07
C6 NAG F . 11.39 -15.14 -5.12
C7 NAG F . 5.78 -11.54 -4.72
C8 NAG F . 5.49 -10.77 -6.00
N2 NAG F . 6.25 -12.78 -4.84
O3 NAG F . 7.19 -13.72 -7.36
O4 NAG F . 9.58 -15.25 -7.46
O5 NAG F . 9.75 -13.76 -4.05
O6 NAG F . 11.57 -16.55 -5.09
O7 NAG F . 5.55 -11.01 -3.63
C1 GAL F . 9.93 -14.73 -8.72
C2 GAL F . 11.11 -15.52 -9.31
C3 GAL F . 11.40 -15.11 -10.77
C4 GAL F . 10.11 -15.00 -11.61
C5 GAL F . 9.00 -14.26 -10.87
C6 GAL F . 7.69 -14.35 -11.63
O2 GAL F . 12.27 -15.31 -8.52
O3 GAL F . 12.26 -16.10 -11.40
O4 GAL F . 9.65 -16.29 -11.96
O5 GAL F . 8.78 -14.84 -9.57
O6 GAL F . 6.58 -13.99 -10.82
C1 SIA F . 14.12 -16.79 -12.74
C2 SIA F . 13.60 -15.82 -11.65
C3 SIA F . 14.43 -16.01 -10.37
C4 SIA F . 15.89 -15.61 -10.57
C5 SIA F . 16.01 -14.24 -11.25
C6 SIA F . 15.12 -14.15 -12.50
C7 SIA F . 15.17 -12.75 -13.10
C8 SIA F . 16.35 -12.60 -14.06
C9 SIA F . 16.26 -13.61 -15.22
C10 SIA F . 18.39 -14.69 -11.10
C11 SIA F . 18.84 -15.93 -11.85
N5 SIA F . 17.39 -13.98 -11.63
O1A SIA F . 13.30 -17.26 -13.57
O1B SIA F . 15.34 -17.06 -12.78
O4 SIA F . 16.56 -15.58 -9.32
O6 SIA F . 13.74 -14.49 -12.16
O7 SIA F . 13.95 -12.46 -13.78
O8 SIA F . 16.37 -11.29 -14.59
O9 SIA F . 15.05 -13.42 -15.94
O10 SIA F . 18.92 -14.39 -10.04
C1 FUC F . 17.46 -26.43 0.38
C2 FUC F . 18.03 -27.56 -0.50
C3 FUC F . 17.81 -28.93 0.14
C4 FUC F . 18.37 -28.94 1.58
C5 FUC F . 17.76 -27.79 2.40
C6 FUC F . 16.28 -27.94 2.74
O2 FUC F . 19.41 -27.35 -0.71
O3 FUC F . 16.43 -29.24 0.16
O4 FUC F . 18.09 -30.18 2.20
O5 FUC F . 17.94 -26.52 1.73
C1 NAG G . -8.89 26.68 -7.46
C2 NAG G . -8.69 26.41 -8.96
C3 NAG G . -7.83 25.16 -9.14
C4 NAG G . -6.53 25.23 -8.33
C5 NAG G . -6.83 25.62 -6.87
C6 NAG G . -5.57 25.87 -6.07
C7 NAG G . -10.29 26.92 -10.70
C8 NAG G . -11.08 28.21 -10.51
N2 NAG G . -9.98 26.23 -9.60
O3 NAG G . -7.52 24.99 -10.52
O4 NAG G . -5.89 23.93 -8.37
O5 NAG G . -7.62 26.83 -6.81
O6 NAG G . -4.81 24.69 -5.89
O7 NAG G . -9.96 26.56 -11.83
C1 NAG G . -4.60 23.83 -8.90
C2 NAG G . -4.33 22.36 -9.31
C3 NAG G . -3.00 22.23 -10.08
C4 NAG G . -2.86 23.29 -11.20
C5 NAG G . -3.17 24.68 -10.62
C6 NAG G . -3.10 25.80 -11.65
C7 NAG G . -5.27 21.46 -7.24
C8 NAG G . -4.91 21.84 -5.82
N2 NAG G . -4.29 21.48 -8.15
O3 NAG G . -2.88 20.93 -10.64
O4 NAG G . -1.51 23.26 -11.71
O5 NAG G . -4.50 24.69 -10.05
O6 NAG G . -4.08 25.66 -12.65
O7 NAG G . -6.44 21.15 -7.52
C1 MAN G . -1.32 23.36 -13.09
C2 MAN G . -1.15 21.95 -13.70
C3 MAN G . 0.16 21.30 -13.23
C4 MAN G . 1.36 22.24 -13.44
C5 MAN G . 1.03 23.56 -12.73
C6 MAN G . 2.10 24.64 -12.61
O2 MAN G . -1.15 22.04 -15.12
O3 MAN G . 0.36 20.05 -13.94
O4 MAN G . 2.53 21.66 -12.89
O5 MAN G . -0.15 24.15 -13.32
O6 MAN G . 2.96 24.70 -13.76
C1 MAN G . 1.04 19.04 -13.22
C2 MAN G . 1.09 17.73 -14.05
C3 MAN G . -0.24 16.98 -14.01
C4 MAN G . -0.73 16.80 -12.57
C5 MAN G . -0.81 18.19 -11.90
C6 MAN G . -1.27 18.14 -10.45
O2 MAN G . 2.13 16.90 -13.56
O3 MAN G . -0.08 15.70 -14.61
O4 MAN G . -2.00 16.18 -12.55
O5 MAN G . 0.49 18.81 -11.92
O6 MAN G . -0.81 16.97 -9.79
C1 BMA G . 4.34 24.58 -13.45
C2 BMA G . 4.75 25.46 -12.26
C3 BMA G . 6.26 25.35 -12.02
C4 BMA G . 6.68 23.88 -11.88
C5 BMA G . 6.19 23.06 -13.09
C6 BMA G . 6.45 21.58 -12.92
O2 BMA G . 4.07 25.03 -11.09
O3 BMA G . 6.58 26.04 -10.81
O4 BMA G . 8.10 23.79 -11.81
O5 BMA G . 4.76 23.23 -13.23
O6 BMA G . 5.79 20.83 -13.94
C1 NAG H . -25.86 69.00 14.82
C2 NAG H . -26.75 70.16 14.35
C3 NAG H . -25.98 71.04 13.36
C4 NAG H . -24.67 71.55 14.02
C5 NAG H . -23.87 70.33 14.54
C6 NAG H . -22.58 70.70 15.27
C7 NAG H . -29.11 70.27 13.86
C8 NAG H . -29.96 69.91 15.06
N2 NAG H . -27.94 69.64 13.71
O3 NAG H . -26.79 72.13 12.98
O4 NAG H . -23.88 72.30 13.05
O5 NAG H . -24.67 69.54 15.45
O6 NAG H . -22.76 71.85 16.08
O7 NAG H . -29.49 71.12 13.06
C1 NDG H . -24.48 73.44 12.52
C2 NDG H . -23.95 73.76 11.09
C3 NDG H . -22.60 74.50 11.11
C4 NDG H . -22.74 75.71 12.03
C5 NDG H . -23.06 75.20 13.44
C6 NDG H . -23.10 76.30 14.49
C7 NDG H . -24.58 72.39 9.23
C8 NDG H . -23.98 72.80 7.89
O5 NDG H . -24.35 74.55 13.44
O3 NDG H . -22.25 74.92 9.80
O4 NDG H . -21.56 76.55 12.02
O6 NDG H . -23.12 77.59 13.90
O7 NDG H . -25.72 71.94 9.28
N2 NDG H . -23.82 72.55 10.31
C1 BMA H . -20.30 75.99 12.22
C2 BMA H . -19.42 76.26 11.00
C3 BMA H . -17.97 75.84 11.25
C4 BMA H . -17.44 76.47 12.55
C5 BMA H . -18.41 76.15 13.70
C6 BMA H . -18.00 76.77 15.04
O2 BMA H . -19.46 77.63 10.65
O3 BMA H . -17.15 76.26 10.17
O4 BMA H . -16.15 75.94 12.85
O5 BMA H . -19.73 76.64 13.38
O6 BMA H . -16.85 77.59 14.92
C1 NAG I . -23.47 65.53 26.69
C2 NAG I . -22.83 66.75 25.96
C3 NAG I . -23.82 67.92 25.83
C4 NAG I . -25.14 67.41 25.22
C5 NAG I . -25.69 66.34 26.16
C6 NAG I . -27.06 65.80 25.83
C7 NAG I . -21.64 68.14 27.56
C8 NAG I . -21.92 67.75 29.01
N2 NAG I . -21.62 67.17 26.66
O3 NAG I . -23.26 68.93 25.02
O4 NAG I . -26.10 68.48 25.01
O5 NAG I . -24.77 65.22 26.15
O6 NAG I . -27.35 64.63 26.59
O7 NAG I . -21.42 69.31 27.28
C1 NAG I . -25.82 69.77 25.44
C2 NAG I . -26.35 70.79 24.44
C3 NAG I . -25.98 72.19 24.95
C4 NAG I . -26.70 72.39 26.28
C5 NAG I . -26.28 71.28 27.28
C6 NAG I . -27.09 71.33 28.56
C7 NAG I . -26.66 70.55 22.06
C8 NAG I . -26.99 71.90 21.42
N2 NAG I . -25.83 70.56 23.10
O3 NAG I . -26.37 73.18 24.00
O4 NAG I . -26.42 73.71 26.83
O5 NAG I . -26.49 69.96 26.71
O6 NAG I . -28.20 70.44 28.49
O7 NAG I . -27.16 69.52 21.61
C1 BMA I . -27.19 74.79 26.39
C2 BMA I . -28.58 74.32 25.92
C3 BMA I . -29.42 75.52 25.50
C4 BMA I . -29.52 76.50 26.67
C5 BMA I . -28.11 76.90 27.13
C6 BMA I . -28.11 77.83 28.33
O2 BMA I . -29.24 73.63 26.97
O3 BMA I . -30.71 75.10 25.11
O4 BMA I . -30.25 77.64 26.27
O5 BMA I . -27.33 75.73 27.48
O6 BMA I . -29.27 78.69 28.29
C1 MAN I . -28.99 80.07 28.24
C2 MAN I . -28.69 80.54 26.80
C3 MAN I . -27.23 81.02 26.70
C4 MAN I . -27.00 82.19 27.68
C5 MAN I . -27.52 81.83 29.09
C6 MAN I . -28.68 82.70 29.57
O2 MAN I . -29.63 81.59 26.42
O3 MAN I . -26.92 81.41 25.38
O4 MAN I . -25.62 82.49 27.73
O5 MAN I . -27.94 80.44 29.15
O6 MAN I . -28.94 82.49 30.95
C1 BMA I . -29.32 82.48 25.39
C2 BMA I . -30.42 82.44 24.32
C3 BMA I . -30.18 83.53 23.26
C4 BMA I . -30.03 84.91 23.92
C5 BMA I . -28.92 84.82 24.97
C6 BMA I . -28.70 86.11 25.74
O2 BMA I . -31.68 82.63 24.92
O3 BMA I . -31.27 83.56 22.35
O4 BMA I . -29.66 85.91 22.91
O5 BMA I . -29.25 83.79 25.96
O6 BMA I . -27.46 86.71 25.38
C1 BMA I . -30.37 87.11 22.79
C2 BMA I . -31.62 86.95 21.93
C3 BMA I . -32.39 88.29 21.85
C4 BMA I . -32.68 88.80 23.26
C5 BMA I . -31.37 88.91 24.05
C6 BMA I . -31.60 89.36 25.48
O2 BMA I . -32.48 85.94 22.49
O3 BMA I . -33.61 88.12 21.14
O4 BMA I . -33.31 90.07 23.19
O5 BMA I . -30.70 87.62 24.10
O6 BMA I . -32.71 90.24 25.57
C1 NAG J . -14.98 -21.03 -13.41
C2 NAG J . -16.33 -20.51 -12.91
C3 NAG J . -16.10 -19.50 -11.77
C4 NAG J . -15.21 -20.10 -10.67
C5 NAG J . -13.93 -20.71 -11.28
C6 NAG J . -13.10 -21.47 -10.25
C7 NAG J . -18.29 -20.17 -14.28
C8 NAG J . -18.52 -21.22 -15.36
N2 NAG J . -17.04 -19.85 -14.00
O3 NAG J . -17.35 -19.12 -11.21
O4 NAG J . -14.84 -19.03 -9.75
O5 NAG J . -14.27 -21.65 -12.32
O6 NAG J . -12.55 -20.60 -9.29
O7 NAG J . -19.26 -19.67 -13.71
C1 NAG J . -15.20 -19.15 -8.41
C2 NAG J . -15.18 -17.75 -7.74
C3 NAG J . -15.76 -17.81 -6.31
C4 NAG J . -17.10 -18.57 -6.24
C5 NAG J . -16.94 -19.93 -6.95
C6 NAG J . -18.20 -20.77 -6.96
C7 NAG J . -13.06 -17.13 -8.77
C8 NAG J . -11.76 -17.91 -8.74
N2 NAG J . -13.84 -17.20 -7.69
O3 NAG J . -15.94 -16.48 -5.81
O4 NAG J . -17.44 -18.78 -4.86
O5 NAG J . -16.52 -19.73 -8.31
O6 NAG J . -19.23 -20.15 -7.72
O7 NAG J . -13.36 -16.48 -9.77
C1 MAN J . -18.77 -18.62 -4.48
C2 MAN J . -18.98 -17.20 -3.89
C3 MAN J . -18.23 -17.02 -2.56
C4 MAN J . -18.55 -18.18 -1.59
C5 MAN J . -18.24 -19.49 -2.32
C6 MAN J . -18.31 -20.82 -1.56
O2 MAN J . -20.37 -16.96 -3.68
O3 MAN J . -18.57 -15.75 -1.97
O4 MAN J . -17.76 -18.06 -0.42
O5 MAN J . -19.09 -19.61 -3.49
O6 MAN J . -19.34 -20.83 -0.55
C1 MAN J . -17.55 -15.14 -1.21
C2 MAN J . -18.00 -13.75 -0.72
C3 MAN J . -17.89 -12.69 -1.84
C4 MAN J . -16.52 -12.73 -2.50
C5 MAN J . -16.24 -14.15 -3.00
C6 MAN J . -14.89 -14.32 -3.66
O2 MAN J . -17.21 -13.34 0.39
O3 MAN J . -18.13 -11.40 -1.30
O4 MAN J . -16.47 -11.81 -3.58
O5 MAN J . -16.29 -15.08 -1.88
O6 MAN J . -13.91 -13.50 -3.05
C1 BMA J . -18.88 -21.14 0.75
C2 BMA J . -17.92 -22.35 0.74
C3 BMA J . -17.50 -22.69 2.18
C4 BMA J . -16.95 -21.45 2.90
C5 BMA J . -17.94 -20.29 2.81
C6 BMA J . -17.38 -18.99 3.37
O2 BMA J . -16.76 -22.03 0.00
O3 BMA J . -16.50 -23.70 2.14
O4 BMA J . -16.71 -21.75 4.27
O5 BMA J . -18.27 -20.04 1.42
O6 BMA J . -18.22 -17.90 3.07
C1 NAG K . -6.25 -61.42 -42.88
C2 NAG K . -7.09 -62.16 -43.93
C3 NAG K . -8.19 -62.96 -43.23
C4 NAG K . -7.57 -63.92 -42.19
C5 NAG K . -6.67 -63.12 -41.22
C6 NAG K . -5.93 -63.96 -40.20
C7 NAG K . -7.84 -61.54 -46.13
C8 NAG K . -6.66 -61.26 -47.07
N2 NAG K . -7.69 -61.21 -44.86
O3 NAG K . -8.93 -63.69 -44.19
O4 NAG K . -8.61 -64.62 -41.46
O5 NAG K . -5.67 -62.36 -41.97
O6 NAG K . -5.48 -65.19 -40.75
O7 NAG K . -8.87 -62.05 -46.57
C1 NDG K . -9.48 -65.42 -42.20
C2 NDG K . -10.87 -65.53 -41.53
C3 NDG K . -10.90 -66.58 -40.41
C4 NDG K . -10.36 -67.89 -40.97
C5 NDG K . -8.91 -67.65 -41.38
C6 NDG K . -8.19 -68.91 -41.85
C7 NDG K . -12.37 -63.66 -41.52
C8 NDG K . -13.70 -63.89 -40.82
O5 NDG K . -8.86 -66.70 -42.48
O3 NDG K . -12.24 -66.75 -39.96
O4 NDG K . -10.48 -68.98 -40.01
O6 NDG K . -9.09 -69.99 -42.06
O7 NDG K . -12.33 -62.94 -42.52
N2 NDG K . -11.31 -64.25 -41.01
C1 BMA K . -10.01 -68.84 -38.72
C2 BMA K . -11.17 -69.03 -37.73
C3 BMA K . -10.66 -69.08 -36.29
C4 BMA K . -9.53 -70.09 -36.13
C5 BMA K . -8.44 -69.81 -37.17
C6 BMA K . -7.28 -70.80 -37.14
O2 BMA K . -11.86 -70.24 -38.04
O3 BMA K . -11.74 -69.43 -35.43
O4 BMA K . -8.99 -70.00 -34.83
O5 BMA K . -9.00 -69.85 -38.50
O6 BMA K . -7.49 -71.83 -36.21
C1 NAG L . 6.28 -61.47 -41.71
C2 NAG L . 5.33 -62.61 -41.26
C3 NAG L . 4.81 -63.43 -42.46
C4 NAG L . 4.22 -62.48 -43.51
C5 NAG L . 5.35 -61.53 -43.93
C6 NAG L . 5.03 -60.59 -45.08
C7 NAG L . 6.64 -64.59 -40.69
C8 NAG L . 8.09 -64.48 -41.10
N2 NAG L . 6.02 -63.47 -40.29
O3 NAG L . 3.82 -64.34 -42.01
O4 NAG L . 3.65 -63.17 -44.64
O5 NAG L . 5.73 -60.71 -42.81
O6 NAG L . 6.04 -59.60 -45.21
O7 NAG L . 6.08 -65.68 -40.70
C1 NAG L . 3.76 -64.55 -44.73
C2 NAG L . 2.47 -65.15 -45.30
C3 NAG L . 2.64 -66.67 -45.34
C4 NAG L . 3.80 -66.98 -46.30
C5 NAG L . 5.08 -66.28 -45.81
C6 NAG L . 6.22 -66.40 -46.80
C7 NAG L . 0.23 -64.31 -45.17
C8 NAG L . -0.78 -65.34 -45.68
N2 NAG L . 1.30 -64.76 -44.54
O3 NAG L . 1.43 -67.28 -45.79
O4 NAG L . 4.01 -68.42 -46.42
O5 NAG L . 4.86 -64.86 -45.62
O6 NAG L . 6.28 -65.25 -47.65
O7 NAG L . 0.01 -63.11 -45.35
C1 BMA L . 3.24 -69.13 -47.34
C2 BMA L . 2.77 -68.22 -48.50
C3 BMA L . 1.97 -69.03 -49.51
C4 BMA L . 2.83 -70.18 -50.01
C5 BMA L . 3.30 -71.04 -48.82
C6 BMA L . 4.21 -72.19 -49.22
O2 BMA L . 3.89 -67.63 -49.14
O3 BMA L . 1.58 -68.20 -50.60
O4 BMA L . 2.08 -70.98 -50.91
O5 BMA L . 4.02 -70.22 -47.86
O6 BMA L . 3.84 -72.68 -50.54
C1 MAN L . 3.46 -74.03 -50.56
C2 MAN L . 1.98 -74.21 -50.14
C3 MAN L . 1.91 -75.03 -48.84
C4 MAN L . 2.57 -76.41 -49.05
C5 MAN L . 3.97 -76.26 -49.68
C6 MAN L . 4.08 -76.88 -51.08
O2 MAN L . 1.25 -74.87 -51.22
O3 MAN L . 0.56 -75.18 -48.41
O4 MAN L . 2.68 -77.08 -47.80
O5 MAN L . 4.34 -74.86 -49.78
O6 MAN L . 5.44 -76.93 -51.51
C1 BMA L . 0.06 -75.56 -50.96
C2 BMA L . -1.07 -75.00 -51.84
C3 BMA L . -2.34 -75.85 -51.69
C4 BMA L . -2.06 -77.34 -51.97
C5 BMA L . -0.89 -77.77 -51.05
C6 BMA L . -0.48 -79.22 -51.25
O2 BMA L . -0.66 -74.99 -53.20
O3 BMA L . -3.34 -75.37 -52.60
O4 BMA L . -3.24 -78.13 -51.67
O5 BMA L . 0.27 -76.94 -51.29
O6 BMA L . -0.86 -80.01 -50.14
C1 BMA L . -3.74 -79.05 -52.60
C2 BMA L . -4.65 -78.37 -53.63
C3 BMA L . -5.15 -79.41 -54.66
C4 BMA L . -3.96 -80.14 -55.28
C5 BMA L . -3.09 -80.76 -54.17
C6 BMA L . -1.86 -81.45 -54.73
O2 BMA L . -3.95 -77.34 -54.31
O3 BMA L . -5.91 -78.78 -55.69
O4 BMA L . -4.43 -81.16 -56.17
O5 BMA L . -2.65 -79.73 -53.25
O6 BMA L . -2.11 -82.01 -56.01
C1 NAG M . 0.69 37.54 29.79
C2 NAG M . 0.29 38.76 30.65
C3 NAG M . 0.80 38.59 32.09
C4 NAG M . 0.38 37.22 32.67
C5 NAG M . 0.78 36.09 31.71
C6 NAG M . 0.27 34.73 32.16
C7 NAG M . 0.05 40.82 29.42
C8 NAG M . 0.12 40.81 27.90
N2 NAG M . 0.83 39.98 30.08
O3 NAG M . 0.30 39.62 32.91
O4 NAG M . 1.02 37.03 33.92
O5 NAG M . 0.21 36.32 30.40
O6 NAG M . 0.69 34.43 33.48
O7 NAG M . -0.73 41.59 29.98
C1 NAG N . 18.93 -42.17 -12.64
C2 NAG N . 19.40 -43.40 -13.44
C3 NAG N . 20.87 -43.70 -13.14
C4 NAG N . 21.74 -42.45 -13.33
C5 NAG N . 21.16 -41.26 -12.53
C6 NAG N . 21.89 -39.96 -12.79
C7 NAG N . 17.65 -45.00 -13.95
C8 NAG N . 16.22 -44.66 -13.63
N2 NAG N . 18.58 -44.56 -13.11
O3 NAG N . 21.34 -44.74 -14.00
O4 NAG N . 23.07 -42.71 -12.87
O5 NAG N . 19.79 -41.04 -12.93
O6 NAG N . 23.29 -40.10 -12.54
O7 NAG N . 17.92 -45.65 -14.96
#